data_3AKK
#
_entry.id   3AKK
#
_cell.length_a   58.832
_cell.length_b   69.563
_cell.length_c   75.636
_cell.angle_alpha   105.99
_cell.angle_beta   108.82
_cell.angle_gamma   92.05
#
_symmetry.space_group_name_H-M   'P 1'
#
loop_
_entity.id
_entity.type
_entity.pdbx_description
1 polymer CtkA
2 non-polymer 'MAGNESIUM ION'
3 non-polymer "ADENOSINE-5'-DIPHOSPHATE"
4 water water
#
_entity_poly.entity_id   1
_entity_poly.type   'polypeptide(L)'
_entity_poly.pdbx_seq_one_letter_code
;MPTIDFTFCEINPKKGFGGANGNKISLFYNNELYMVKFPPKPSTHKEMSYTNGCFSEYVACHIVNSLGLKVQETLLGTYK
NKIVVACKDFTTHQYELVDFLSLKNTMIELEKSGKDTNLNDVLYAIDNQHFIEPKVLKCFFWDMFVADTLLGNFDRHNGN
WGFLRASNSKEYQIAPIFDCGSCLYPQADDVVCQKVLSNIDELNARIYNFPQSILKDDNDKKINYYDFLTQTNNKDCLDA
LLRIYPRIDMNKIHSIIDNTPFMSEIHKEFLHTMLDERKSKIIDVAHTRAIELSLQHKQAHSNPYDNADDLDNSNEYTPT
PKRRR
;
_entity_poly.pdbx_strand_id   A,B,C,D
#
loop_
_chem_comp.id
_chem_comp.type
_chem_comp.name
_chem_comp.formula
ADP non-polymer ADENOSINE-5'-DIPHOSPHATE 'C10 H15 N5 O10 P2'
MG non-polymer 'MAGNESIUM ION' 'Mg 2'
#
# COMPACT_ATOMS: atom_id res chain seq x y z
N PRO A 2 35.96 15.18 -6.01
CA PRO A 2 36.74 15.04 -7.23
C PRO A 2 36.10 14.04 -8.17
N THR A 3 36.10 14.34 -9.46
CA THR A 3 35.52 13.42 -10.43
C THR A 3 36.54 12.36 -10.82
N ILE A 4 36.24 11.14 -10.41
CA ILE A 4 37.17 10.05 -10.57
C ILE A 4 36.84 9.26 -11.84
N ASP A 5 37.85 9.04 -12.68
CA ASP A 5 37.67 8.13 -13.79
C ASP A 5 37.99 6.72 -13.30
N PHE A 6 36.98 5.86 -13.24
CA PHE A 6 37.15 4.48 -12.78
C PHE A 6 37.57 3.54 -13.91
N THR A 7 37.56 4.07 -15.13
CA THR A 7 37.70 3.26 -16.34
C THR A 7 38.79 2.19 -16.30
N PHE A 8 39.93 2.48 -15.72
CA PHE A 8 41.01 1.48 -15.71
C PHE A 8 41.24 0.76 -14.37
N CYS A 9 40.40 1.03 -13.38
CA CYS A 9 40.47 0.27 -12.14
C CYS A 9 40.16 -1.17 -12.49
N GLU A 10 40.72 -2.09 -11.73
CA GLU A 10 40.63 -3.51 -12.01
C GLU A 10 39.21 -4.06 -11.76
N ILE A 11 38.59 -4.61 -12.80
CA ILE A 11 37.31 -5.28 -12.63
C ILE A 11 37.55 -6.52 -11.84
N ASN A 12 36.55 -6.90 -11.04
CA ASN A 12 36.54 -8.18 -10.37
C ASN A 12 35.35 -8.99 -10.88
N PRO A 13 35.63 -10.00 -11.71
CA PRO A 13 34.50 -10.60 -12.47
C PRO A 13 33.71 -11.59 -11.65
N LYS A 14 34.10 -11.82 -10.41
CA LYS A 14 33.45 -12.85 -9.61
C LYS A 14 32.45 -12.30 -8.61
N LYS A 15 31.98 -11.07 -8.85
CA LYS A 15 30.93 -10.48 -8.00
C LYS A 15 29.88 -9.65 -8.76
N GLY A 16 28.62 -9.92 -8.45
CA GLY A 16 27.52 -9.15 -9.00
C GLY A 16 26.62 -8.66 -7.89
N PHE A 17 25.56 -7.94 -8.25
CA PHE A 17 24.73 -7.25 -7.28
C PHE A 17 23.27 -7.21 -7.75
N GLY A 18 22.33 -7.32 -6.83
CA GLY A 18 20.93 -7.36 -7.21
C GLY A 18 20.30 -6.01 -7.49
N GLY A 19 18.99 -5.96 -7.30
CA GLY A 19 18.18 -4.75 -7.46
C GLY A 19 17.78 -4.53 -8.91
N ALA A 20 16.79 -3.68 -9.13
CA ALA A 20 16.28 -3.48 -10.48
C ALA A 20 16.63 -2.13 -11.15
N ASN A 21 17.20 -1.21 -10.38
CA ASN A 21 17.51 0.12 -10.91
C ASN A 21 18.89 0.27 -11.56
N GLY A 22 19.18 -0.55 -12.56
CA GLY A 22 20.37 -0.33 -13.36
C GLY A 22 21.51 -1.29 -13.04
N ASN A 23 22.56 -1.20 -13.82
CA ASN A 23 23.65 -2.15 -13.75
C ASN A 23 24.61 -1.90 -12.60
N LYS A 24 25.40 -2.92 -12.25
CA LYS A 24 26.39 -2.85 -11.19
C LYS A 24 27.60 -3.68 -11.55
N ILE A 25 28.80 -3.17 -11.28
CA ILE A 25 30.02 -4.00 -11.38
C ILE A 25 30.89 -3.91 -10.12
N SER A 26 31.77 -4.87 -9.96
CA SER A 26 32.65 -4.92 -8.81
C SER A 26 34.03 -4.51 -9.27
N LEU A 27 34.59 -3.44 -8.72
CA LEU A 27 35.94 -3.09 -9.11
C LEU A 27 36.81 -2.60 -7.96
N PHE A 28 38.12 -2.70 -8.15
CA PHE A 28 39.07 -2.23 -7.15
C PHE A 28 39.41 -0.76 -7.35
N TYR A 29 39.26 0.01 -6.29
CA TYR A 29 39.69 1.39 -6.29
C TYR A 29 40.49 1.67 -5.02
N ASN A 30 41.70 2.18 -5.17
CA ASN A 30 42.54 2.45 -4.01
C ASN A 30 42.61 1.25 -3.07
N ASN A 31 42.97 0.09 -3.62
CA ASN A 31 43.05 -1.18 -2.86
C ASN A 31 41.76 -1.65 -2.17
N GLU A 32 40.60 -1.13 -2.56
CA GLU A 32 39.33 -1.61 -1.99
C GLU A 32 38.22 -1.85 -3.03
N LEU A 33 37.36 -2.81 -2.73
CA LEU A 33 36.23 -3.17 -3.57
C LEU A 33 35.09 -2.17 -3.47
N TYR A 34 34.60 -1.76 -4.63
CA TYR A 34 33.39 -0.92 -4.71
C TYR A 34 32.28 -1.57 -5.54
N MET A 35 31.04 -1.28 -5.18
CA MET A 35 29.92 -1.58 -6.05
C MET A 35 29.64 -0.37 -6.91
N VAL A 36 30.00 -0.41 -8.18
CA VAL A 36 29.78 0.76 -9.03
C VAL A 36 28.42 0.71 -9.76
N LYS A 37 27.49 1.60 -9.43
CA LYS A 37 26.15 1.58 -10.04
C LYS A 37 26.02 2.49 -11.27
N PHE A 38 25.27 2.02 -12.26
CA PHE A 38 24.93 2.82 -13.42
C PHE A 38 23.44 3.11 -13.34
N PRO A 39 23.02 4.29 -13.77
CA PRO A 39 21.59 4.57 -13.81
C PRO A 39 20.93 3.77 -14.93
N PRO A 40 19.64 3.45 -14.77
CA PRO A 40 19.02 2.70 -15.86
C PRO A 40 18.89 3.61 -17.06
N LYS A 41 19.43 3.26 -18.21
CA LYS A 41 19.32 4.13 -19.38
C LYS A 41 18.17 3.64 -20.25
N PRO A 42 17.11 4.45 -20.38
CA PRO A 42 15.96 4.04 -21.20
C PRO A 42 16.37 3.98 -22.66
N SER A 43 15.53 3.37 -23.51
CA SER A 43 15.82 3.30 -24.94
C SER A 43 15.95 4.70 -25.55
N THR A 44 15.31 5.67 -24.90
CA THR A 44 15.21 7.03 -25.43
C THR A 44 14.98 7.99 -24.24
N HIS A 45 15.63 9.16 -24.26
CA HIS A 45 15.45 10.15 -23.19
C HIS A 45 15.40 11.59 -23.73
N LYS A 46 14.49 11.84 -24.66
CA LYS A 46 14.32 13.16 -25.24
C LYS A 46 13.75 14.12 -24.22
N GLU A 47 14.49 15.19 -23.93
CA GLU A 47 14.09 16.19 -22.95
C GLU A 47 13.56 15.57 -21.64
N MET A 48 14.25 14.53 -21.19
CA MET A 48 14.06 13.97 -19.84
C MET A 48 15.41 13.57 -19.26
N SER A 49 15.43 13.35 -17.94
CA SER A 49 16.61 12.82 -17.26
C SER A 49 16.40 11.36 -16.79
N TYR A 50 17.47 10.57 -16.84
CA TYR A 50 17.41 9.18 -16.37
C TYR A 50 18.52 8.97 -15.34
N THR A 51 19.21 10.06 -15.01
CA THR A 51 20.54 9.98 -14.45
C THR A 51 20.68 10.53 -13.02
N ASN A 52 19.57 11.03 -12.48
CA ASN A 52 19.60 11.74 -11.20
C ASN A 52 19.82 10.86 -9.99
N GLY A 53 19.37 9.61 -10.07
CA GLY A 53 19.54 8.68 -8.98
C GLY A 53 20.99 8.56 -8.57
N CYS A 54 21.91 8.82 -9.49
CA CYS A 54 23.34 8.76 -9.16
C CYS A 54 23.73 9.76 -8.09
N PHE A 55 23.27 10.98 -8.33
CA PHE A 55 23.50 12.12 -7.47
C PHE A 55 22.72 12.04 -6.17
N SER A 56 21.48 11.55 -6.22
CA SER A 56 20.70 11.46 -4.99
C SER A 56 21.38 10.49 -4.05
N GLU A 57 21.99 9.47 -4.63
CA GLU A 57 22.68 8.44 -3.87
C GLU A 57 23.94 9.03 -3.23
N TYR A 58 24.76 9.70 -4.03
CA TYR A 58 25.96 10.38 -3.52
C TYR A 58 25.66 11.41 -2.43
N VAL A 59 24.74 12.33 -2.73
CA VAL A 59 24.50 13.47 -1.86
C VAL A 59 23.77 13.03 -0.60
N ALA A 60 22.79 12.13 -0.75
CA ALA A 60 22.02 11.61 0.39
C ALA A 60 22.85 10.79 1.36
N CYS A 61 23.72 9.93 0.86
CA CYS A 61 24.54 9.12 1.76
C CYS A 61 25.48 9.99 2.57
N HIS A 62 26.06 10.99 1.91
CA HIS A 62 27.00 11.93 2.51
C HIS A 62 26.35 12.76 3.62
N ILE A 63 25.11 13.13 3.40
CA ILE A 63 24.32 13.76 4.44
C ILE A 63 24.07 12.77 5.60
N VAL A 64 23.79 11.51 5.28
CA VAL A 64 23.57 10.53 6.33
C VAL A 64 24.85 10.30 7.10
N ASN A 65 25.96 10.33 6.40
CA ASN A 65 27.27 10.31 7.05
C ASN A 65 27.37 11.50 7.98
N SER A 66 27.04 12.67 7.46
CA SER A 66 27.22 13.91 8.20
C SER A 66 26.30 13.92 9.41
N LEU A 67 25.32 13.02 9.43
CA LEU A 67 24.41 12.89 10.56
C LEU A 67 24.93 11.93 11.62
N GLY A 68 26.12 11.38 11.40
CA GLY A 68 26.67 10.41 12.32
C GLY A 68 26.11 8.99 12.25
N LEU A 69 25.37 8.67 11.19
CA LEU A 69 24.85 7.29 11.04
C LEU A 69 25.74 6.47 10.12
N LYS A 70 25.92 5.20 10.44
CA LYS A 70 26.76 4.35 9.59
C LYS A 70 26.08 4.23 8.24
N VAL A 71 26.81 4.54 7.19
CA VAL A 71 26.29 4.54 5.80
C VAL A 71 27.45 4.34 4.81
N GLN A 72 27.13 3.83 3.63
CA GLN A 72 28.14 3.49 2.63
C GLN A 72 28.81 4.75 2.10
N GLU A 73 30.12 4.70 1.86
CA GLU A 73 30.86 5.80 1.25
C GLU A 73 30.56 5.84 -0.21
N THR A 74 30.30 7.02 -0.74
CA THR A 74 30.01 7.12 -2.14
C THR A 74 30.91 8.12 -2.85
N LEU A 75 31.25 7.78 -4.08
CA LEU A 75 32.08 8.59 -4.96
C LEU A 75 31.37 8.76 -6.31
N LEU A 76 31.30 9.98 -6.82
CA LEU A 76 30.85 10.20 -8.19
C LEU A 76 32.06 10.15 -9.11
N GLY A 77 31.88 9.51 -10.26
CA GLY A 77 32.97 9.30 -11.18
C GLY A 77 32.38 8.91 -12.50
N THR A 78 33.23 8.55 -13.45
CA THR A 78 32.74 7.98 -14.70
C THR A 78 33.43 6.66 -14.90
N TYR A 79 32.80 5.80 -15.71
CA TYR A 79 33.36 4.52 -16.13
C TYR A 79 32.96 4.34 -17.58
N LYS A 80 33.96 4.24 -18.44
CA LYS A 80 33.78 4.27 -19.89
C LYS A 80 32.75 5.33 -20.34
N ASN A 81 33.00 6.58 -19.99
CA ASN A 81 32.18 7.69 -20.46
C ASN A 81 30.77 7.71 -19.88
N LYS A 82 30.54 6.93 -18.85
CA LYS A 82 29.23 6.94 -18.20
C LYS A 82 29.32 7.39 -16.75
N ILE A 83 28.36 8.23 -16.35
CA ILE A 83 28.29 8.63 -14.95
C ILE A 83 27.91 7.45 -14.03
N VAL A 84 28.58 7.35 -12.90
CA VAL A 84 28.31 6.29 -11.93
C VAL A 84 28.42 6.80 -10.50
N VAL A 85 27.81 6.07 -9.59
CA VAL A 85 28.11 6.26 -8.19
C VAL A 85 28.75 4.97 -7.65
N ALA A 86 30.05 5.05 -7.37
CA ALA A 86 30.77 3.95 -6.75
C ALA A 86 30.49 3.97 -5.25
N CYS A 87 29.99 2.86 -4.71
CA CYS A 87 29.69 2.76 -3.29
C CYS A 87 30.58 1.71 -2.67
N LYS A 88 31.38 2.08 -1.69
CA LYS A 88 32.26 1.08 -1.07
C LYS A 88 31.48 -0.19 -0.68
N ASP A 89 31.95 -1.32 -1.17
CA ASP A 89 31.37 -2.64 -0.95
C ASP A 89 31.58 -3.08 0.48
N PHE A 90 30.48 -3.34 1.19
CA PHE A 90 30.50 -3.74 2.60
C PHE A 90 30.20 -5.24 2.82
N THR A 91 29.91 -5.98 1.75
CA THR A 91 29.74 -7.43 1.85
C THR A 91 31.04 -8.13 1.45
N THR A 92 32.14 -7.52 1.83
CA THR A 92 33.47 -7.98 1.51
C THR A 92 34.04 -8.56 2.81
N HIS A 93 35.17 -9.25 2.74
CA HIS A 93 35.74 -9.86 3.96
C HIS A 93 34.73 -10.83 4.56
N GLN A 94 33.96 -11.49 3.70
CA GLN A 94 33.10 -12.60 4.08
C GLN A 94 31.91 -12.16 4.91
N TYR A 95 31.19 -11.16 4.43
CA TYR A 95 29.91 -10.82 5.04
C TYR A 95 28.84 -10.99 3.99
N GLU A 96 27.71 -11.57 4.37
CA GLU A 96 26.57 -11.56 3.48
C GLU A 96 25.56 -10.52 3.93
N LEU A 97 24.99 -9.81 2.97
CA LEU A 97 23.90 -8.91 3.28
C LEU A 97 22.61 -9.72 3.29
N VAL A 98 21.94 -9.70 4.44
CA VAL A 98 20.62 -10.29 4.58
C VAL A 98 19.66 -9.15 4.83
N ASP A 99 18.81 -8.84 3.86
CA ASP A 99 17.89 -7.71 4.00
C ASP A 99 16.74 -7.95 4.99
N PHE A 100 16.15 -6.87 5.48
CA PHE A 100 15.05 -6.97 6.45
C PHE A 100 13.88 -7.74 5.86
N LEU A 101 13.61 -7.53 4.58
CA LEU A 101 12.61 -8.33 3.89
C LEU A 101 12.73 -9.82 4.23
N SER A 102 13.94 -10.38 4.11
CA SER A 102 14.14 -11.78 4.45
C SER A 102 13.76 -12.03 5.90
N LEU A 103 14.26 -11.19 6.78
CA LEU A 103 13.97 -11.33 8.18
C LEU A 103 12.47 -11.21 8.39
N LYS A 104 11.82 -10.26 7.71
CA LYS A 104 10.40 -10.06 7.91
C LYS A 104 9.57 -11.24 7.39
N ASN A 105 10.10 -11.90 6.36
CA ASN A 105 9.47 -13.11 5.83
C ASN A 105 9.35 -14.19 6.88
N THR A 106 10.19 -14.16 7.90
CA THR A 106 10.08 -15.15 8.96
C THR A 106 8.87 -15.00 9.90
N MET A 107 8.26 -13.82 9.93
CA MET A 107 7.13 -13.57 10.86
C MET A 107 5.82 -14.18 10.36
N ILE A 108 5.80 -15.51 10.23
CA ILE A 108 4.64 -16.26 9.75
C ILE A 108 3.32 -15.90 10.42
N GLU A 109 3.34 -15.69 11.73
CA GLU A 109 2.11 -15.37 12.46
C GLU A 109 1.38 -14.09 12.01
N LEU A 110 2.07 -13.18 11.33
CA LEU A 110 1.39 -11.96 10.87
C LEU A 110 0.54 -12.19 9.63
N GLU A 111 0.73 -13.32 8.97
CA GLU A 111 0.07 -13.55 7.68
C GLU A 111 0.07 -12.29 6.80
N LYS A 112 1.25 -11.69 6.66
CA LYS A 112 1.51 -10.64 5.67
C LYS A 112 2.85 -10.98 5.05
N SER A 113 3.01 -10.70 3.76
CA SER A 113 4.30 -10.93 3.13
C SER A 113 5.40 -10.02 3.69
N GLY A 114 6.63 -10.45 3.59
CA GLY A 114 7.76 -9.71 4.13
C GLY A 114 8.08 -8.47 3.32
N LYS A 115 7.49 -8.38 2.13
CA LYS A 115 7.64 -7.23 1.26
C LYS A 115 6.74 -6.11 1.73
N ASP A 116 5.65 -6.45 2.43
CA ASP A 116 4.69 -5.43 2.89
C ASP A 116 5.26 -4.51 3.96
N THR A 117 4.97 -3.21 3.84
CA THR A 117 5.65 -2.19 4.63
C THR A 117 4.78 -1.46 5.67
N ASN A 118 3.69 -2.11 6.09
CA ASN A 118 2.90 -1.66 7.23
C ASN A 118 3.80 -1.41 8.45
N LEU A 119 3.78 -0.17 8.94
CA LEU A 119 4.65 0.24 10.05
C LEU A 119 4.57 -0.63 11.30
N ASN A 120 3.37 -0.88 11.81
CA ASN A 120 3.23 -1.71 13.01
C ASN A 120 3.77 -3.12 12.78
N ASP A 121 3.63 -3.61 11.55
CA ASP A 121 4.11 -4.94 11.23
C ASP A 121 5.64 -5.01 11.25
N VAL A 122 6.26 -3.99 10.66
CA VAL A 122 7.71 -3.79 10.70
C VAL A 122 8.21 -3.65 12.16
N LEU A 123 7.56 -2.80 12.93
CA LEU A 123 7.89 -2.65 14.34
C LEU A 123 7.77 -3.98 15.08
N TYR A 124 6.79 -4.79 14.67
CA TYR A 124 6.61 -6.11 15.27
C TYR A 124 7.75 -7.06 14.89
N ALA A 125 8.09 -7.10 13.62
CA ALA A 125 9.26 -7.83 13.15
C ALA A 125 10.48 -7.44 13.96
N ILE A 126 10.64 -6.14 14.20
CA ILE A 126 11.77 -5.65 14.97
C ILE A 126 11.77 -6.21 16.39
N ASP A 127 10.59 -6.23 17.01
CA ASP A 127 10.50 -6.66 18.40
C ASP A 127 10.73 -8.16 18.54
N ASN A 128 10.38 -8.92 17.51
CA ASN A 128 10.35 -10.38 17.64
C ASN A 128 11.48 -11.16 16.92
N GLN A 129 12.38 -10.46 16.23
CA GLN A 129 13.46 -11.14 15.54
C GLN A 129 14.59 -11.49 16.47
N HIS A 130 15.51 -12.31 15.98
CA HIS A 130 16.59 -12.81 16.82
C HIS A 130 17.96 -12.63 16.19
N PHE A 131 18.03 -11.77 15.16
CA PHE A 131 19.32 -11.43 14.55
C PHE A 131 20.12 -10.51 15.47
N ILE A 132 19.39 -9.65 16.16
CA ILE A 132 19.96 -8.47 16.81
C ILE A 132 19.07 -8.08 17.99
N GLU A 133 19.68 -7.67 19.09
CA GLU A 133 18.94 -7.17 20.25
C GLU A 133 17.86 -6.21 19.74
N PRO A 134 16.58 -6.46 20.09
CA PRO A 134 15.49 -5.61 19.59
C PRO A 134 15.75 -4.12 19.83
N LYS A 135 16.14 -3.79 21.05
CA LYS A 135 16.32 -2.41 21.46
C LYS A 135 17.29 -1.69 20.53
N VAL A 136 18.37 -2.37 20.17
CA VAL A 136 19.38 -1.80 19.29
C VAL A 136 18.84 -1.62 17.89
N LEU A 137 18.03 -2.58 17.45
CA LEU A 137 17.49 -2.53 16.11
C LEU A 137 16.42 -1.44 16.02
N LYS A 138 15.66 -1.24 17.08
CA LYS A 138 14.60 -0.25 17.03
C LYS A 138 15.24 1.11 16.86
N CYS A 139 16.25 1.36 17.69
CA CYS A 139 16.96 2.64 17.67
C CYS A 139 17.51 2.92 16.28
N PHE A 140 18.27 1.97 15.73
CA PHE A 140 18.78 2.11 14.39
C PHE A 140 17.65 2.48 13.42
N PHE A 141 16.46 1.95 13.67
CA PHE A 141 15.40 2.01 12.68
C PHE A 141 14.76 3.39 12.65
N TRP A 142 14.59 3.97 13.83
CA TRP A 142 14.04 5.31 13.90
C TRP A 142 15.09 6.34 13.54
N ASP A 143 16.36 6.06 13.84
CA ASP A 143 17.43 6.94 13.38
C ASP A 143 17.34 7.03 11.86
N MET A 144 17.18 5.88 11.21
CA MET A 144 17.11 5.89 9.76
C MET A 144 15.89 6.66 9.28
N PHE A 145 14.80 6.57 10.05
CA PHE A 145 13.54 7.19 9.68
C PHE A 145 13.69 8.70 9.75
N VAL A 146 14.28 9.17 10.82
CA VAL A 146 14.59 10.58 10.92
C VAL A 146 15.44 11.00 9.70
N ALA A 147 16.52 10.28 9.44
CA ALA A 147 17.38 10.63 8.31
C ALA A 147 16.53 10.68 7.04
N ASP A 148 15.70 9.67 6.88
CA ASP A 148 14.85 9.57 5.71
C ASP A 148 13.81 10.67 5.64
N THR A 149 13.53 11.32 6.77
CA THR A 149 12.56 12.40 6.77
C THR A 149 13.19 13.69 6.26
N LEU A 150 14.41 13.98 6.70
CA LEU A 150 15.15 15.12 6.16
C LEU A 150 15.40 14.95 4.67
N LEU A 151 15.71 13.72 4.25
CA LEU A 151 16.13 13.46 2.87
C LEU A 151 14.94 13.21 1.94
N GLY A 152 13.76 13.03 2.53
CA GLY A 152 12.55 12.81 1.76
C GLY A 152 12.61 11.50 1.01
N ASN A 153 12.85 10.43 1.75
CA ASN A 153 12.99 9.10 1.15
C ASN A 153 11.62 8.51 0.82
N PHE A 154 11.31 8.37 -0.45
CA PHE A 154 10.01 7.80 -0.77
C PHE A 154 10.06 6.29 -1.00
N ASP A 155 11.22 5.66 -0.76
CA ASP A 155 11.40 4.25 -1.12
C ASP A 155 12.33 3.45 -0.19
N ARG A 156 12.08 3.52 1.11
CA ARG A 156 12.82 2.69 2.07
C ARG A 156 12.04 1.40 2.33
N HIS A 157 11.99 0.55 1.32
CA HIS A 157 11.24 -0.67 1.45
C HIS A 157 12.09 -1.68 2.23
N ASN A 158 11.56 -2.89 2.41
CA ASN A 158 12.15 -3.84 3.33
C ASN A 158 13.44 -4.50 2.83
N GLY A 159 13.73 -4.29 1.54
CA GLY A 159 15.00 -4.74 0.99
C GLY A 159 16.04 -3.62 0.83
N ASN A 160 15.69 -2.41 1.29
CA ASN A 160 16.61 -1.29 1.21
C ASN A 160 17.25 -0.99 2.55
N TRP A 161 17.32 -2.01 3.39
CA TRP A 161 18.15 -1.98 4.60
C TRP A 161 18.19 -3.40 5.11
N GLY A 162 19.07 -3.67 6.07
CA GLY A 162 19.20 -5.03 6.54
C GLY A 162 20.39 -5.28 7.42
N PHE A 163 20.99 -6.44 7.25
CA PHE A 163 21.94 -6.93 8.24
C PHE A 163 23.17 -7.50 7.56
N LEU A 164 24.27 -7.55 8.29
CA LEU A 164 25.44 -8.26 7.86
C LEU A 164 25.58 -9.49 8.74
N ARG A 165 25.86 -10.62 8.09
CA ARG A 165 26.14 -11.89 8.72
C ARG A 165 27.54 -12.30 8.35
N ALA A 166 28.31 -12.76 9.32
CA ALA A 166 29.63 -13.24 9.01
C ALA A 166 29.47 -14.62 8.45
N SER A 167 29.84 -14.80 7.19
CA SER A 167 29.87 -16.09 6.56
C SER A 167 30.39 -17.18 7.48
N ASN A 168 31.48 -16.92 8.18
CA ASN A 168 31.82 -17.84 9.21
C ASN A 168 30.46 -18.20 9.75
N SER A 169 29.79 -17.25 10.34
CA SER A 169 28.37 -17.34 10.46
C SER A 169 27.82 -17.43 11.82
N LYS A 170 26.50 -17.36 11.87
CA LYS A 170 25.80 -17.41 13.11
C LYS A 170 25.27 -16.04 13.44
N GLU A 171 26.12 -15.04 13.39
CA GLU A 171 25.77 -13.74 13.90
C GLU A 171 25.66 -12.55 12.97
N TYR A 172 24.86 -11.60 13.40
CA TYR A 172 24.56 -10.44 12.58
C TYR A 172 24.91 -9.16 13.27
N GLN A 173 25.23 -8.17 12.45
CA GLN A 173 25.26 -6.78 12.86
C GLN A 173 24.42 -6.03 11.85
N ILE A 174 24.08 -4.78 12.13
CA ILE A 174 23.24 -4.03 11.22
C ILE A 174 24.08 -3.52 10.07
N ALA A 175 23.57 -3.63 8.86
CA ALA A 175 24.33 -3.15 7.73
C ALA A 175 24.29 -1.63 7.68
N PRO A 176 25.35 -1.01 7.14
CA PRO A 176 25.32 0.42 6.82
C PRO A 176 24.07 0.74 6.01
N ILE A 177 23.51 1.93 6.23
CA ILE A 177 22.51 2.46 5.32
C ILE A 177 23.05 2.46 3.88
N PHE A 178 22.21 2.03 2.94
CA PHE A 178 22.59 1.97 1.54
C PHE A 178 21.38 2.34 0.76
N ASP A 179 21.49 2.34 -0.57
CA ASP A 179 20.41 2.76 -1.45
C ASP A 179 19.64 3.98 -0.93
N CYS A 180 20.27 5.15 -1.00
CA CYS A 180 19.57 6.40 -0.74
C CYS A 180 19.24 7.10 -2.05
N GLY A 181 19.25 6.32 -3.13
CA GLY A 181 19.03 6.83 -4.47
C GLY A 181 17.62 7.34 -4.68
N SER A 182 16.74 7.01 -3.76
CA SER A 182 15.36 7.46 -3.84
C SER A 182 15.09 8.66 -2.93
N CYS A 183 16.15 9.37 -2.57
CA CYS A 183 15.99 10.56 -1.75
C CYS A 183 16.16 11.79 -2.61
N LEU A 184 15.91 12.94 -2.01
CA LEU A 184 16.26 14.23 -2.59
C LEU A 184 15.69 14.41 -4.00
N TYR A 185 14.39 14.20 -4.15
CA TYR A 185 13.69 14.52 -5.40
C TYR A 185 14.45 14.10 -6.66
N PRO A 186 14.64 12.77 -6.83
CA PRO A 186 15.31 12.21 -8.00
C PRO A 186 14.58 12.59 -9.29
N GLN A 187 13.27 12.75 -9.19
CA GLN A 187 12.46 13.08 -10.36
C GLN A 187 12.52 14.56 -10.80
N ALA A 188 13.40 15.35 -10.18
CA ALA A 188 13.56 16.77 -10.52
C ALA A 188 14.66 17.04 -11.56
N ASP A 189 14.30 17.75 -12.63
CA ASP A 189 15.30 18.20 -13.60
C ASP A 189 15.37 19.72 -13.56
N ASP A 190 16.25 20.32 -14.35
CA ASP A 190 16.50 21.76 -14.21
C ASP A 190 15.20 22.56 -14.36
N VAL A 191 14.25 21.99 -15.10
CA VAL A 191 12.98 22.66 -15.35
C VAL A 191 12.19 22.73 -14.05
N VAL A 192 11.99 21.56 -13.43
CA VAL A 192 11.35 21.40 -12.12
C VAL A 192 11.96 22.27 -11.00
N CYS A 193 13.29 22.43 -10.99
CA CYS A 193 13.97 23.21 -9.96
C CYS A 193 13.67 24.70 -10.09
N GLN A 194 13.66 25.19 -11.33
CA GLN A 194 13.37 26.58 -11.62
C GLN A 194 11.95 26.86 -11.20
N LYS A 195 11.11 25.87 -11.44
CA LYS A 195 9.70 25.94 -11.10
C LYS A 195 9.54 26.01 -9.59
N VAL A 196 10.19 25.09 -8.88
CA VAL A 196 10.07 25.03 -7.43
C VAL A 196 10.58 26.29 -6.74
N LEU A 197 11.71 26.80 -7.23
CA LEU A 197 12.33 27.99 -6.66
C LEU A 197 11.54 29.28 -6.90
N SER A 198 10.64 29.25 -7.87
CA SER A 198 9.82 30.42 -8.16
C SER A 198 8.48 30.37 -7.41
N ASN A 199 7.81 29.22 -7.47
CA ASN A 199 6.48 29.06 -6.93
C ASN A 199 6.47 28.34 -5.58
N ILE A 200 6.35 29.11 -4.50
CA ILE A 200 6.44 28.57 -3.15
C ILE A 200 5.38 27.51 -2.87
N ASP A 201 4.24 27.60 -3.54
CA ASP A 201 3.21 26.59 -3.42
C ASP A 201 3.79 25.27 -3.88
N GLU A 202 4.66 25.35 -4.89
CA GLU A 202 5.24 24.18 -5.55
C GLU A 202 6.36 23.57 -4.69
N LEU A 203 7.01 24.43 -3.91
CA LEU A 203 7.98 24.00 -2.92
C LEU A 203 7.25 23.35 -1.73
N ASN A 204 6.15 23.97 -1.28
CA ASN A 204 5.35 23.45 -0.17
C ASN A 204 4.74 22.08 -0.46
N ALA A 205 4.37 21.86 -1.71
CA ALA A 205 3.86 20.55 -2.09
C ALA A 205 4.95 19.49 -1.87
N ARG A 206 6.20 19.92 -2.06
CA ARG A 206 7.33 19.02 -1.89
C ARG A 206 7.82 18.97 -0.45
N ILE A 207 7.11 19.68 0.43
CA ILE A 207 7.37 19.59 1.85
C ILE A 207 6.27 18.79 2.55
N TYR A 208 5.03 19.27 2.46
CA TYR A 208 3.91 18.67 3.19
C TYR A 208 3.16 17.50 2.50
N ASN A 209 3.29 17.33 1.19
CA ASN A 209 2.46 16.33 0.49
C ASN A 209 3.26 15.15 -0.06
N PHE A 210 4.48 15.42 -0.52
CA PHE A 210 5.36 14.38 -1.04
C PHE A 210 6.76 14.94 -1.11
N PRO A 211 7.78 14.09 -1.01
CA PRO A 211 7.65 12.62 -0.94
C PRO A 211 6.99 12.17 0.36
N GLN A 212 6.38 10.99 0.28
CA GLN A 212 5.86 10.34 1.46
C GLN A 212 6.65 9.08 1.72
N SER A 213 6.73 8.71 2.99
CA SER A 213 7.33 7.44 3.37
C SER A 213 6.62 6.25 2.71
N ILE A 214 7.42 5.29 2.26
CA ILE A 214 6.87 4.05 1.75
C ILE A 214 6.15 3.27 2.87
N LEU A 215 6.45 3.60 4.13
CA LEU A 215 5.77 2.98 5.26
C LEU A 215 4.27 3.32 5.30
N LYS A 216 3.48 2.40 5.87
CA LYS A 216 2.04 2.55 5.86
C LYS A 216 1.41 2.42 7.25
N ASP A 217 0.38 3.21 7.48
CA ASP A 217 -0.40 3.06 8.70
C ASP A 217 -1.37 1.90 8.54
N ASP A 218 -2.08 1.60 9.62
CA ASP A 218 -3.02 0.49 9.63
C ASP A 218 -4.25 0.66 8.73
N ASN A 219 -4.41 1.85 8.14
CA ASN A 219 -5.43 2.03 7.10
C ASN A 219 -4.86 1.77 5.71
N ASP A 220 -3.59 1.40 5.68
CA ASP A 220 -2.88 0.98 4.47
C ASP A 220 -2.47 2.14 3.57
N LYS A 221 -2.46 3.35 4.10
CA LYS A 221 -1.93 4.48 3.34
C LYS A 221 -0.50 4.84 3.77
N LYS A 222 0.25 5.43 2.84
CA LYS A 222 1.62 5.84 3.13
C LYS A 222 1.68 6.88 4.23
N ILE A 223 2.73 6.80 5.03
CA ILE A 223 2.93 7.69 6.14
C ILE A 223 3.44 9.01 5.61
N ASN A 224 2.72 10.10 5.92
CA ASN A 224 3.16 11.45 5.56
C ASN A 224 4.23 11.92 6.57
N TYR A 225 5.40 12.27 6.05
CA TYR A 225 6.52 12.65 6.91
C TYR A 225 6.19 13.78 7.89
N TYR A 226 5.56 14.84 7.38
CA TYR A 226 5.22 15.97 8.22
C TYR A 226 4.17 15.65 9.29
N ASP A 227 3.05 15.09 8.84
CA ASP A 227 1.96 14.76 9.76
C ASP A 227 2.40 13.79 10.83
N PHE A 228 3.09 12.74 10.41
CA PHE A 228 3.45 11.67 11.34
C PHE A 228 4.40 12.08 12.46
N LEU A 229 5.53 12.71 12.15
CA LEU A 229 6.42 13.03 13.26
C LEU A 229 6.17 14.38 13.96
N THR A 230 5.20 15.17 13.46
CA THR A 230 4.68 16.28 14.28
C THR A 230 3.41 15.87 15.00
N GLN A 231 3.06 14.58 14.97
CA GLN A 231 1.90 14.10 15.71
C GLN A 231 2.17 12.83 16.51
N THR A 232 3.16 12.03 16.12
CA THR A 232 3.41 10.75 16.78
C THR A 232 3.64 10.90 18.28
N ASN A 233 3.23 9.88 19.04
CA ASN A 233 3.61 9.77 20.43
C ASN A 233 4.46 8.52 20.61
N ASN A 234 4.86 7.89 19.52
CA ASN A 234 5.79 6.80 19.64
C ASN A 234 7.12 7.30 20.24
N LYS A 235 7.36 6.89 21.49
CA LYS A 235 8.51 7.35 22.26
C LYS A 235 9.82 7.06 21.54
N ASP A 236 9.90 5.89 20.91
CA ASP A 236 11.11 5.53 20.17
C ASP A 236 11.42 6.45 18.99
N CYS A 237 10.37 6.90 18.31
CA CYS A 237 10.54 7.84 17.22
C CYS A 237 11.05 9.17 17.74
N LEU A 238 10.37 9.67 18.77
CA LEU A 238 10.74 10.94 19.42
C LEU A 238 12.18 10.89 19.92
N ASP A 239 12.55 9.77 20.53
CA ASP A 239 13.89 9.64 21.05
C ASP A 239 14.93 9.70 19.95
N ALA A 240 14.59 9.22 18.75
CA ALA A 240 15.55 9.30 17.64
C ALA A 240 15.68 10.74 17.15
N LEU A 241 14.55 11.46 17.12
CA LEU A 241 14.57 12.89 16.77
C LEU A 241 15.49 13.64 17.72
N LEU A 242 15.44 13.30 19.01
CA LEU A 242 16.24 13.97 20.03
C LEU A 242 17.72 13.68 19.89
N ARG A 243 18.04 12.49 19.40
CA ARG A 243 19.45 12.11 19.26
C ARG A 243 20.04 12.72 18.01
N ILE A 244 19.27 12.68 16.94
CA ILE A 244 19.75 13.11 15.62
C ILE A 244 19.77 14.63 15.43
N TYR A 245 18.82 15.35 16.01
CA TYR A 245 18.76 16.81 15.85
C TYR A 245 20.12 17.53 16.02
N PRO A 246 20.80 17.33 17.17
CA PRO A 246 22.05 18.07 17.43
C PRO A 246 23.17 17.70 16.47
N ARG A 247 22.98 16.66 15.67
CA ARG A 247 23.99 16.22 14.73
C ARG A 247 23.74 16.82 13.37
N ILE A 248 22.66 17.58 13.24
CA ILE A 248 22.32 18.21 11.97
C ILE A 248 23.16 19.47 11.80
N ASP A 249 24.07 19.44 10.84
CA ASP A 249 25.04 20.50 10.65
C ASP A 249 24.82 20.98 9.23
N MET A 250 24.09 22.08 9.10
CA MET A 250 23.62 22.54 7.80
C MET A 250 24.78 23.12 7.02
N ASN A 251 25.91 23.25 7.70
CA ASN A 251 27.11 23.71 7.02
C ASN A 251 27.78 22.58 6.27
N LYS A 252 28.11 21.50 6.97
CA LYS A 252 28.67 20.35 6.30
C LYS A 252 27.74 19.93 5.18
N ILE A 253 26.43 20.07 5.42
CA ILE A 253 25.42 19.67 4.46
C ILE A 253 25.45 20.53 3.19
N HIS A 254 25.33 21.84 3.34
CA HIS A 254 25.36 22.71 2.17
C HIS A 254 26.69 22.64 1.43
N SER A 255 27.75 22.27 2.12
CA SER A 255 29.03 22.11 1.43
C SER A 255 29.07 20.81 0.65
N ILE A 256 28.52 19.75 1.26
CA ILE A 256 28.40 18.46 0.59
C ILE A 256 27.79 18.65 -0.78
N ILE A 257 26.78 19.53 -0.85
CA ILE A 257 26.13 19.88 -2.11
C ILE A 257 27.04 20.69 -3.05
N ASP A 258 27.62 21.77 -2.53
CA ASP A 258 28.46 22.64 -3.35
C ASP A 258 29.51 21.84 -4.08
N ASN A 259 30.18 20.96 -3.35
CA ASN A 259 31.25 20.17 -3.94
C ASN A 259 30.81 18.90 -4.70
N THR A 260 29.53 18.79 -5.01
CA THR A 260 29.04 17.67 -5.82
C THR A 260 29.30 17.94 -7.30
N PRO A 261 29.96 17.01 -7.99
CA PRO A 261 30.26 17.24 -9.41
C PRO A 261 29.03 17.33 -10.32
N PHE A 262 29.24 17.75 -11.57
CA PHE A 262 28.26 17.66 -12.66
C PHE A 262 26.92 18.39 -12.44
N MET A 263 26.44 18.39 -11.21
CA MET A 263 25.16 18.99 -10.88
C MET A 263 25.14 20.48 -11.27
N SER A 264 23.97 20.96 -11.69
CA SER A 264 23.82 22.33 -12.18
C SER A 264 23.58 23.30 -11.02
N GLU A 265 23.87 24.58 -11.26
CA GLU A 265 23.78 25.55 -10.20
C GLU A 265 22.32 25.81 -9.84
N ILE A 266 21.43 25.37 -10.72
CA ILE A 266 20.00 25.49 -10.44
C ILE A 266 19.58 24.29 -9.60
N HIS A 267 20.24 23.17 -9.82
CA HIS A 267 19.96 21.98 -9.03
C HIS A 267 20.62 22.08 -7.66
N LYS A 268 21.80 22.68 -7.59
CA LYS A 268 22.46 22.82 -6.31
C LYS A 268 21.57 23.73 -5.49
N GLU A 269 21.20 24.86 -6.08
CA GLU A 269 20.37 25.84 -5.38
C GLU A 269 19.05 25.23 -4.90
N PHE A 270 18.57 24.23 -5.62
CA PHE A 270 17.27 23.62 -5.35
C PHE A 270 17.38 22.75 -4.09
N LEU A 271 18.42 21.92 -4.05
CA LEU A 271 18.74 21.17 -2.85
C LEU A 271 19.03 22.07 -1.63
N HIS A 272 19.96 23.02 -1.77
CA HIS A 272 20.22 23.96 -0.68
C HIS A 272 18.87 24.38 -0.10
N THR A 273 17.99 24.85 -0.98
CA THR A 273 16.70 25.38 -0.57
C THR A 273 15.79 24.33 0.04
N MET A 274 15.67 23.20 -0.65
CA MET A 274 14.81 22.12 -0.17
C MET A 274 15.25 21.58 1.20
N LEU A 275 16.57 21.49 1.44
CA LEU A 275 17.02 21.07 2.78
C LEU A 275 16.76 22.08 3.90
N ASP A 276 17.07 23.35 3.68
CA ASP A 276 16.64 24.39 4.61
C ASP A 276 15.16 24.21 4.94
N GLU A 277 14.35 24.00 3.90
CA GLU A 277 12.90 23.97 4.08
C GLU A 277 12.43 22.71 4.81
N ARG A 278 12.98 21.56 4.45
CA ARG A 278 12.66 20.32 5.14
C ARG A 278 13.18 20.40 6.57
N LYS A 279 14.36 20.99 6.73
CA LYS A 279 14.99 21.12 8.02
C LYS A 279 14.15 21.98 8.97
N SER A 280 13.54 23.04 8.46
CA SER A 280 12.85 23.98 9.33
C SER A 280 11.38 23.66 9.46
N LYS A 281 10.73 23.27 8.37
CA LYS A 281 9.28 23.05 8.37
C LYS A 281 8.87 21.72 8.97
N ILE A 282 9.77 20.74 8.91
CA ILE A 282 9.44 19.40 9.38
C ILE A 282 10.21 19.02 10.64
N ILE A 283 11.52 18.92 10.52
CA ILE A 283 12.38 18.54 11.64
C ILE A 283 12.29 19.47 12.86
N ASP A 284 12.56 20.75 12.65
CA ASP A 284 12.48 21.74 13.72
C ASP A 284 11.11 21.68 14.38
N VAL A 285 10.08 21.72 13.55
CA VAL A 285 8.73 21.64 14.05
C VAL A 285 8.56 20.38 14.90
N ALA A 286 8.99 19.24 14.38
CA ALA A 286 8.86 17.98 15.10
C ALA A 286 9.73 17.97 16.35
N HIS A 287 10.94 18.52 16.23
CA HIS A 287 11.90 18.50 17.32
C HIS A 287 11.50 19.45 18.46
N THR A 288 11.04 20.64 18.13
CA THR A 288 10.51 21.59 19.10
C THR A 288 9.43 20.94 19.97
N ARG A 289 8.50 20.23 19.34
CA ARG A 289 7.45 19.55 20.10
C ARG A 289 8.04 18.39 20.92
N ALA A 290 9.03 17.70 20.34
CA ALA A 290 9.71 16.62 21.03
C ALA A 290 10.35 17.06 22.35
N ILE A 291 11.07 18.19 22.32
CA ILE A 291 11.59 18.83 23.53
C ILE A 291 10.43 19.13 24.51
N GLU A 292 9.34 19.71 24.03
CA GLU A 292 8.21 20.10 24.88
C GLU A 292 7.55 18.95 25.62
N LEU A 293 7.42 17.80 24.96
CA LEU A 293 6.73 16.65 25.54
C LEU A 293 7.57 15.99 26.63
N SER A 294 8.89 16.17 26.54
CA SER A 294 9.84 15.60 27.49
C SER A 294 9.94 16.45 28.74
N LEU A 295 9.14 17.52 28.80
CA LEU A 295 9.26 18.53 29.86
C LEU A 295 8.42 18.23 31.08
N GLN A 296 8.60 19.08 32.10
CA GLN A 296 7.96 18.89 33.39
C GLN A 296 7.28 20.17 33.89
N HIS A 297 6.35 20.03 34.83
CA HIS A 297 5.58 21.18 35.31
C HIS A 297 6.05 21.68 36.68
N PRO B 2 0.53 -41.88 5.92
CA PRO B 2 0.81 -40.76 6.82
C PRO B 2 1.31 -39.52 6.07
N THR B 3 0.95 -38.38 6.61
CA THR B 3 1.39 -37.09 6.12
C THR B 3 2.33 -36.48 7.17
N ILE B 4 3.37 -35.81 6.72
CA ILE B 4 4.33 -35.21 7.64
C ILE B 4 3.69 -34.08 8.44
N ASP B 5 4.06 -33.95 9.71
CA ASP B 5 3.75 -32.72 10.45
C ASP B 5 4.99 -31.96 10.88
N PHE B 6 5.15 -30.76 10.32
CA PHE B 6 6.34 -29.94 10.47
C PHE B 6 6.24 -29.04 11.69
N THR B 7 5.04 -28.95 12.26
CA THR B 7 4.72 -27.97 13.30
C THR B 7 5.77 -27.84 14.41
N PHE B 8 6.25 -28.98 14.90
CA PHE B 8 7.12 -28.99 16.07
C PHE B 8 8.58 -29.31 15.73
N CYS B 9 8.95 -29.05 14.49
CA CYS B 9 10.34 -29.14 14.09
C CYS B 9 11.07 -27.89 14.58
N GLU B 10 12.33 -28.06 14.97
CA GLU B 10 13.06 -26.97 15.58
C GLU B 10 13.27 -25.83 14.59
N ILE B 11 12.76 -24.65 14.94
CA ILE B 11 12.95 -23.45 14.11
C ILE B 11 14.36 -22.86 14.25
N ASN B 12 15.00 -22.57 13.12
CA ASN B 12 16.29 -21.86 13.09
C ASN B 12 16.06 -20.35 12.97
N PRO B 13 16.31 -19.59 14.07
CA PRO B 13 15.90 -18.19 14.17
C PRO B 13 16.92 -17.25 13.52
N LYS B 14 18.00 -17.82 13.02
CA LYS B 14 19.10 -17.02 12.51
C LYS B 14 19.11 -17.00 10.99
N LYS B 15 18.03 -17.44 10.38
CA LYS B 15 17.96 -17.46 8.93
C LYS B 15 16.63 -16.98 8.40
N GLY B 16 16.69 -16.23 7.30
CA GLY B 16 15.50 -15.85 6.57
C GLY B 16 15.75 -16.08 5.10
N PHE B 17 14.76 -15.76 4.29
CA PHE B 17 14.82 -16.00 2.85
C PHE B 17 14.10 -14.84 2.19
N GLY B 18 14.47 -14.56 0.95
CA GLY B 18 13.87 -13.46 0.23
C GLY B 18 12.56 -13.86 -0.40
N GLY B 19 12.27 -13.24 -1.54
CA GLY B 19 11.04 -13.45 -2.28
C GLY B 19 9.81 -12.81 -1.66
N ALA B 20 8.82 -12.51 -2.49
CA ALA B 20 7.59 -11.86 -2.06
C ALA B 20 6.39 -12.80 -2.02
N ASN B 21 6.57 -14.02 -2.51
CA ASN B 21 5.40 -14.88 -2.75
C ASN B 21 4.87 -15.62 -1.54
N GLY B 22 5.38 -15.32 -0.37
CA GLY B 22 4.85 -15.88 0.87
C GLY B 22 5.88 -15.79 1.98
N ASN B 23 5.53 -16.29 3.16
CA ASN B 23 6.48 -16.33 4.27
C ASN B 23 7.39 -17.56 4.17
N LYS B 24 8.62 -17.45 4.68
CA LYS B 24 9.51 -18.61 4.82
C LYS B 24 10.11 -18.66 6.22
N ILE B 25 10.27 -19.85 6.78
CA ILE B 25 11.12 -20.01 7.97
C ILE B 25 12.21 -21.04 7.72
N SER B 26 13.30 -20.92 8.48
CA SER B 26 14.33 -21.95 8.52
C SER B 26 14.03 -22.92 9.65
N LEU B 27 13.94 -24.21 9.33
CA LEU B 27 13.72 -25.21 10.36
C LEU B 27 14.42 -26.56 10.11
N PHE B 28 14.67 -27.28 11.20
CA PHE B 28 15.38 -28.55 11.14
C PHE B 28 14.38 -29.67 10.89
N TYR B 29 14.77 -30.59 10.01
CA TYR B 29 13.99 -31.80 9.75
C TYR B 29 14.97 -32.87 9.30
N ASN B 30 14.82 -34.07 9.83
CA ASN B 30 15.81 -35.15 9.67
C ASN B 30 17.22 -34.61 9.90
N ASN B 31 17.32 -33.73 10.89
CA ASN B 31 18.58 -33.16 11.35
C ASN B 31 19.26 -32.30 10.30
N GLU B 32 18.45 -31.67 9.46
CA GLU B 32 18.96 -30.90 8.34
C GLU B 32 18.09 -29.70 8.08
N LEU B 33 18.69 -28.63 7.58
CA LEU B 33 17.97 -27.37 7.38
C LEU B 33 17.05 -27.38 6.13
N TYR B 34 15.80 -26.98 6.32
CA TYR B 34 14.85 -26.79 5.21
C TYR B 34 14.37 -25.35 5.17
N MET B 35 14.20 -24.81 3.96
CA MET B 35 13.43 -23.59 3.79
C MET B 35 11.97 -23.95 3.63
N VAL B 36 11.19 -23.69 4.66
CA VAL B 36 9.76 -23.99 4.59
C VAL B 36 8.98 -22.80 4.04
N LYS B 37 8.37 -22.97 2.87
CA LYS B 37 7.57 -21.92 2.26
C LYS B 37 6.10 -22.06 2.61
N PHE B 38 5.55 -21.01 3.20
CA PHE B 38 4.12 -20.95 3.50
C PHE B 38 3.40 -20.36 2.30
N PRO B 39 2.08 -20.52 2.26
CA PRO B 39 1.24 -19.84 1.27
C PRO B 39 0.67 -18.59 1.92
N PRO B 40 0.10 -17.68 1.10
CA PRO B 40 -0.64 -16.58 1.70
C PRO B 40 -1.97 -17.14 2.27
N LYS B 41 -2.32 -16.81 3.51
CA LYS B 41 -3.57 -17.29 4.07
C LYS B 41 -4.75 -16.92 3.16
N PRO B 42 -5.70 -17.86 2.97
CA PRO B 42 -6.94 -17.71 2.20
C PRO B 42 -7.70 -16.43 2.48
N THR B 51 -3.42 -22.50 -1.76
CA THR B 51 -2.10 -23.03 -1.43
C THR B 51 -1.49 -23.76 -2.62
N ASN B 52 -2.21 -23.73 -3.75
CA ASN B 52 -1.78 -24.42 -4.97
C ASN B 52 -0.34 -24.12 -5.40
N GLY B 53 0.30 -23.14 -4.76
CA GLY B 53 1.70 -22.84 -5.04
C GLY B 53 2.65 -23.83 -4.40
N CYS B 54 2.28 -24.37 -3.24
CA CYS B 54 3.13 -25.36 -2.60
C CYS B 54 3.08 -26.69 -3.35
N PHE B 55 1.87 -27.12 -3.71
CA PHE B 55 1.69 -28.29 -4.55
C PHE B 55 2.54 -28.24 -5.82
N SER B 56 2.38 -27.19 -6.61
CA SER B 56 3.11 -27.05 -7.86
C SER B 56 4.61 -27.13 -7.60
N GLU B 57 5.03 -26.54 -6.50
CA GLU B 57 6.44 -26.52 -6.13
C GLU B 57 6.94 -27.95 -5.93
N TYR B 58 6.16 -28.73 -5.19
CA TYR B 58 6.50 -30.10 -4.88
C TYR B 58 6.46 -31.02 -6.12
N VAL B 59 5.33 -31.03 -6.81
CA VAL B 59 5.19 -31.83 -8.01
C VAL B 59 6.29 -31.49 -9.02
N ALA B 60 6.35 -30.24 -9.44
CA ALA B 60 7.33 -29.79 -10.40
C ALA B 60 8.79 -30.19 -10.09
N CYS B 61 9.25 -29.92 -8.87
CA CYS B 61 10.66 -30.19 -8.55
C CYS B 61 10.94 -31.68 -8.62
N HIS B 62 9.99 -32.46 -8.14
CA HIS B 62 10.05 -33.90 -8.27
C HIS B 62 10.07 -34.30 -9.75
N ILE B 63 9.24 -33.66 -10.57
CA ILE B 63 9.29 -33.94 -12.00
C ILE B 63 10.66 -33.58 -12.59
N VAL B 64 11.22 -32.45 -12.15
CA VAL B 64 12.54 -32.03 -12.60
C VAL B 64 13.63 -33.01 -12.15
N ASN B 65 13.47 -33.58 -10.96
CA ASN B 65 14.40 -34.61 -10.54
C ASN B 65 14.34 -35.87 -11.41
N SER B 66 13.13 -36.27 -11.79
CA SER B 66 12.95 -37.47 -12.61
C SER B 66 13.57 -37.26 -14.01
N LEU B 67 13.80 -36.00 -14.36
CA LEU B 67 14.41 -35.67 -15.63
C LEU B 67 15.94 -35.68 -15.56
N GLY B 68 16.48 -36.01 -14.39
CA GLY B 68 17.91 -36.11 -14.23
C GLY B 68 18.59 -34.77 -14.03
N LEU B 69 17.79 -33.73 -13.77
CA LEU B 69 18.32 -32.40 -13.46
C LEU B 69 18.49 -32.18 -11.96
N LYS B 70 19.56 -31.50 -11.57
CA LYS B 70 19.78 -31.21 -10.18
C LYS B 70 18.72 -30.22 -9.72
N VAL B 71 17.98 -30.58 -8.68
CA VAL B 71 16.91 -29.72 -8.21
C VAL B 71 16.84 -29.79 -6.69
N GLN B 72 16.25 -28.79 -6.07
CA GLN B 72 16.10 -28.78 -4.62
C GLN B 72 15.16 -29.91 -4.24
N GLU B 73 15.37 -30.49 -3.06
CA GLU B 73 14.53 -31.58 -2.56
C GLU B 73 13.32 -30.99 -1.87
N THR B 74 12.15 -31.58 -2.09
CA THR B 74 10.93 -30.99 -1.56
C THR B 74 10.02 -31.98 -0.85
N LEU B 75 9.30 -31.47 0.15
CA LEU B 75 8.34 -32.28 0.89
C LEU B 75 7.12 -31.43 1.12
N LEU B 76 5.96 -32.07 1.15
CA LEU B 76 4.76 -31.37 1.57
C LEU B 76 4.39 -31.88 2.94
N GLY B 77 3.84 -31.00 3.77
CA GLY B 77 3.45 -31.35 5.11
C GLY B 77 2.63 -30.25 5.74
N THR B 78 2.08 -30.49 6.92
CA THR B 78 1.37 -29.44 7.60
C THR B 78 2.31 -28.55 8.40
N TYR B 79 1.80 -27.40 8.82
CA TYR B 79 2.44 -26.58 9.84
C TYR B 79 1.33 -25.72 10.41
N LYS B 80 1.03 -25.93 11.69
CA LYS B 80 -0.16 -25.38 12.28
C LYS B 80 -1.32 -25.47 11.29
N ASN B 81 -1.92 -24.33 10.98
CA ASN B 81 -3.13 -24.30 10.16
C ASN B 81 -2.91 -24.50 8.65
N LYS B 82 -1.67 -24.69 8.22
CA LYS B 82 -1.39 -24.60 6.79
C LYS B 82 -0.69 -25.81 6.14
N ILE B 83 -0.94 -25.99 4.84
CA ILE B 83 -0.11 -26.87 4.03
C ILE B 83 1.04 -26.08 3.43
N VAL B 84 2.25 -26.61 3.57
CA VAL B 84 3.45 -25.92 3.18
C VAL B 84 4.43 -26.87 2.50
N VAL B 85 5.24 -26.36 1.58
CA VAL B 85 6.29 -27.17 0.99
C VAL B 85 7.64 -26.90 1.67
N ALA B 86 8.31 -27.97 2.11
CA ALA B 86 9.61 -27.82 2.75
C ALA B 86 10.67 -28.03 1.70
N CYS B 87 11.64 -27.13 1.62
CA CYS B 87 12.67 -27.24 0.59
C CYS B 87 14.04 -27.35 1.25
N LYS B 88 14.75 -28.42 0.94
CA LYS B 88 16.02 -28.65 1.59
C LYS B 88 16.93 -27.45 1.30
N ASP B 89 17.39 -26.83 2.37
CA ASP B 89 18.28 -25.70 2.28
C ASP B 89 19.64 -26.09 1.69
N PHE B 90 19.97 -25.50 0.56
CA PHE B 90 21.25 -25.76 -0.09
C PHE B 90 22.30 -24.61 0.05
N THR B 91 22.04 -23.63 0.92
CA THR B 91 23.02 -22.61 1.26
C THR B 91 23.38 -22.66 2.75
N THR B 92 23.48 -23.86 3.29
CA THR B 92 24.12 -24.02 4.59
C THR B 92 25.50 -24.54 4.31
N HIS B 93 26.38 -24.46 5.31
CA HIS B 93 27.77 -24.88 5.16
C HIS B 93 28.52 -23.88 4.31
N GLN B 94 28.27 -22.59 4.59
CA GLN B 94 29.04 -21.50 3.99
C GLN B 94 28.72 -21.31 2.53
N TYR B 95 27.70 -21.99 2.03
CA TYR B 95 27.30 -21.76 0.65
C TYR B 95 26.45 -20.49 0.56
N GLU B 96 26.58 -19.77 -0.54
CA GLU B 96 25.83 -18.53 -0.73
C GLU B 96 25.27 -18.48 -2.14
N LEU B 97 24.01 -18.04 -2.25
CA LEU B 97 23.31 -18.07 -3.51
C LEU B 97 23.32 -16.71 -4.21
N VAL B 98 23.81 -16.70 -5.45
CA VAL B 98 23.85 -15.48 -6.23
C VAL B 98 23.00 -15.72 -7.48
N ASP B 99 21.84 -15.06 -7.55
CA ASP B 99 20.96 -15.28 -8.70
C ASP B 99 21.57 -14.83 -10.01
N PHE B 100 20.96 -15.25 -11.10
CA PHE B 100 21.38 -14.82 -12.42
C PHE B 100 21.11 -13.33 -12.61
N LEU B 101 20.07 -12.81 -11.98
CA LEU B 101 19.78 -11.38 -12.00
C LEU B 101 21.02 -10.54 -11.64
N SER B 102 21.67 -10.89 -10.53
CA SER B 102 22.92 -10.25 -10.10
C SER B 102 24.00 -10.32 -11.16
N LEU B 103 24.14 -11.48 -11.77
CA LEU B 103 25.23 -11.66 -12.71
C LEU B 103 24.94 -10.86 -13.96
N LYS B 104 23.68 -10.82 -14.36
CA LYS B 104 23.31 -10.09 -15.58
C LYS B 104 23.49 -8.60 -15.33
N ASN B 105 23.28 -8.16 -14.09
CA ASN B 105 23.48 -6.75 -13.76
C ASN B 105 24.88 -6.25 -14.16
N THR B 106 25.83 -7.17 -14.32
CA THR B 106 27.18 -6.81 -14.73
C THR B 106 27.31 -6.52 -16.23
N MET B 107 26.37 -6.98 -17.04
CA MET B 107 26.46 -6.78 -18.49
C MET B 107 26.18 -5.32 -18.86
N ILE B 108 27.17 -4.46 -18.64
CA ILE B 108 26.95 -3.01 -18.71
C ILE B 108 26.78 -2.49 -20.13
N GLU B 109 27.32 -3.21 -21.11
CA GLU B 109 27.27 -2.71 -22.49
C GLU B 109 25.93 -3.03 -23.13
N LEU B 110 25.08 -3.76 -22.42
CA LEU B 110 23.72 -4.05 -22.90
C LEU B 110 22.78 -2.85 -22.70
N GLU B 111 22.99 -2.10 -21.64
CA GLU B 111 22.10 -0.98 -21.34
C GLU B 111 20.71 -1.55 -21.13
N LYS B 112 20.67 -2.60 -20.32
CA LYS B 112 19.45 -3.27 -19.90
C LYS B 112 19.68 -3.71 -18.44
N SER B 113 18.63 -3.69 -17.63
CA SER B 113 18.74 -4.23 -16.28
C SER B 113 18.83 -5.75 -16.29
N GLY B 114 19.57 -6.30 -15.33
CA GLY B 114 19.71 -7.74 -15.23
C GLY B 114 18.43 -8.38 -14.82
N LYS B 115 17.37 -7.59 -14.69
CA LYS B 115 16.06 -8.08 -14.32
C LYS B 115 15.25 -8.31 -15.58
N ASP B 116 15.64 -7.64 -16.65
CA ASP B 116 14.98 -7.82 -17.93
C ASP B 116 15.27 -9.22 -18.51
N THR B 117 14.24 -9.88 -19.05
CA THR B 117 14.37 -11.27 -19.48
C THR B 117 14.36 -11.48 -20.99
N ASN B 118 14.88 -10.49 -21.72
CA ASN B 118 15.05 -10.64 -23.16
C ASN B 118 15.94 -11.84 -23.44
N LEU B 119 15.46 -12.79 -24.24
CA LEU B 119 16.22 -14.03 -24.46
C LEU B 119 17.62 -13.79 -24.99
N ASN B 120 17.73 -13.04 -26.08
CA ASN B 120 19.03 -12.75 -26.67
C ASN B 120 20.01 -12.16 -25.65
N ASP B 121 19.50 -11.25 -24.81
CA ASP B 121 20.31 -10.62 -23.78
C ASP B 121 20.69 -11.62 -22.69
N VAL B 122 19.76 -12.50 -22.33
CA VAL B 122 20.06 -13.50 -21.32
C VAL B 122 21.17 -14.41 -21.84
N LEU B 123 21.19 -14.62 -23.15
CA LEU B 123 22.16 -15.55 -23.73
C LEU B 123 23.49 -14.84 -23.84
N TYR B 124 23.42 -13.57 -24.24
CA TYR B 124 24.61 -12.73 -24.26
C TYR B 124 25.26 -12.76 -22.90
N ALA B 125 24.46 -12.51 -21.86
CA ALA B 125 24.95 -12.57 -20.48
C ALA B 125 25.62 -13.91 -20.18
N ILE B 126 25.04 -15.00 -20.68
CA ILE B 126 25.64 -16.31 -20.42
C ILE B 126 26.97 -16.48 -21.14
N ASP B 127 27.05 -15.97 -22.36
CA ASP B 127 28.28 -16.08 -23.13
C ASP B 127 29.45 -15.20 -22.64
N ASN B 128 29.14 -14.16 -21.90
CA ASN B 128 30.14 -13.20 -21.47
C ASN B 128 30.44 -13.20 -19.98
N GLN B 129 29.74 -14.02 -19.20
CA GLN B 129 29.94 -14.03 -17.76
C GLN B 129 31.18 -14.84 -17.36
N HIS B 130 31.57 -14.79 -16.08
CA HIS B 130 32.78 -15.48 -15.65
C HIS B 130 32.66 -16.25 -14.33
N PHE B 131 31.43 -16.50 -13.90
CA PHE B 131 31.20 -17.38 -12.76
C PHE B 131 31.40 -18.82 -13.19
N ILE B 132 30.92 -19.11 -14.40
CA ILE B 132 30.79 -20.48 -14.85
C ILE B 132 31.26 -20.57 -16.28
N GLU B 133 31.91 -21.67 -16.61
CA GLU B 133 32.23 -21.99 -17.98
C GLU B 133 31.03 -21.63 -18.85
N PRO B 134 31.20 -20.68 -19.76
CA PRO B 134 30.04 -20.26 -20.56
C PRO B 134 29.31 -21.42 -21.23
N LYS B 135 30.01 -22.43 -21.74
CA LYS B 135 29.34 -23.52 -22.45
C LYS B 135 28.52 -24.44 -21.52
N VAL B 136 29.07 -24.72 -20.33
CA VAL B 136 28.40 -25.54 -19.33
C VAL B 136 27.10 -24.91 -18.90
N LEU B 137 27.17 -23.63 -18.58
CA LEU B 137 26.03 -22.85 -18.13
C LEU B 137 24.94 -22.84 -19.20
N LYS B 138 25.34 -22.74 -20.46
CA LYS B 138 24.37 -22.65 -21.54
C LYS B 138 23.59 -23.95 -21.72
N CYS B 139 24.25 -25.09 -21.50
CA CYS B 139 23.56 -26.37 -21.54
C CYS B 139 22.56 -26.46 -20.39
N PHE B 140 22.94 -25.94 -19.22
CA PHE B 140 22.05 -25.91 -18.08
C PHE B 140 20.81 -25.11 -18.39
N PHE B 141 21.00 -23.87 -18.83
CA PHE B 141 19.90 -22.95 -19.13
C PHE B 141 18.91 -23.62 -20.08
N TRP B 142 19.44 -24.30 -21.09
CA TRP B 142 18.58 -24.94 -22.09
C TRP B 142 17.86 -26.17 -21.57
N ASP B 143 18.57 -26.99 -20.78
CA ASP B 143 17.95 -28.08 -20.04
C ASP B 143 16.76 -27.54 -19.24
N MET B 144 16.97 -26.45 -18.52
CA MET B 144 15.93 -25.83 -17.71
C MET B 144 14.70 -25.33 -18.53
N PHE B 145 14.95 -24.68 -19.66
CA PHE B 145 13.89 -24.23 -20.56
C PHE B 145 13.05 -25.40 -21.04
N VAL B 146 13.70 -26.51 -21.37
CA VAL B 146 12.98 -27.72 -21.80
C VAL B 146 12.10 -28.25 -20.65
N ALA B 147 12.67 -28.38 -19.46
CA ALA B 147 11.88 -28.80 -18.31
C ALA B 147 10.79 -27.76 -17.98
N ASP B 148 11.07 -26.48 -18.22
CA ASP B 148 10.05 -25.46 -17.97
C ASP B 148 8.94 -25.49 -18.99
N THR B 149 9.24 -25.95 -20.20
CA THR B 149 8.23 -26.14 -21.23
C THR B 149 7.23 -27.21 -20.77
N LEU B 150 7.74 -28.39 -20.44
CA LEU B 150 6.89 -29.47 -19.94
C LEU B 150 6.08 -29.01 -18.75
N LEU B 151 6.70 -28.24 -17.86
CA LEU B 151 6.03 -27.82 -16.62
C LEU B 151 5.10 -26.61 -16.82
N GLY B 152 5.20 -25.93 -17.95
CA GLY B 152 4.41 -24.74 -18.18
C GLY B 152 4.74 -23.65 -17.18
N ASN B 153 6.03 -23.40 -17.03
CA ASN B 153 6.55 -22.42 -16.09
C ASN B 153 6.39 -21.00 -16.62
N PHE B 154 5.51 -20.20 -16.02
CA PHE B 154 5.31 -18.85 -16.54
C PHE B 154 6.18 -17.79 -15.89
N ASP B 155 7.02 -18.19 -14.92
CA ASP B 155 7.80 -17.21 -14.18
C ASP B 155 9.23 -17.61 -13.89
N ARG B 156 10.02 -17.93 -14.90
CA ARG B 156 11.42 -18.22 -14.66
C ARG B 156 12.24 -16.95 -14.80
N HIS B 157 11.93 -15.95 -13.99
CA HIS B 157 12.65 -14.67 -14.09
C HIS B 157 14.12 -14.86 -13.69
N ASN B 158 14.97 -13.88 -14.00
CA ASN B 158 16.39 -14.01 -13.67
C ASN B 158 16.67 -14.20 -12.18
N GLY B 159 15.66 -13.97 -11.34
CA GLY B 159 15.84 -14.15 -9.91
C GLY B 159 15.55 -15.58 -9.46
N ASN B 160 15.07 -16.39 -10.39
CA ASN B 160 14.69 -17.77 -10.06
C ASN B 160 15.67 -18.87 -10.50
N TRP B 161 16.91 -18.49 -10.79
CA TRP B 161 17.99 -19.47 -10.88
C TRP B 161 19.33 -18.81 -10.63
N GLY B 162 20.37 -19.61 -10.44
CA GLY B 162 21.66 -19.00 -10.21
C GLY B 162 22.70 -19.94 -9.66
N PHE B 163 23.61 -19.38 -8.86
CA PHE B 163 24.85 -20.07 -8.53
C PHE B 163 25.08 -20.10 -7.03
N LEU B 164 25.85 -21.09 -6.60
CA LEU B 164 26.36 -21.14 -5.25
C LEU B 164 27.83 -20.78 -5.27
N ARG B 165 28.23 -19.86 -4.38
CA ARG B 165 29.65 -19.68 -4.12
C ARG B 165 29.94 -20.11 -2.70
N ALA B 166 30.90 -21.01 -2.55
CA ALA B 166 31.38 -21.36 -1.23
C ALA B 166 32.05 -20.12 -0.70
N SER B 167 31.85 -19.84 0.58
CA SER B 167 32.52 -18.69 1.19
C SER B 167 34.03 -18.92 1.14
N ASN B 168 34.77 -17.81 1.13
CA ASN B 168 36.24 -17.85 1.17
C ASN B 168 36.95 -18.30 -0.12
N SER B 169 36.16 -18.64 -1.14
CA SER B 169 36.70 -19.03 -2.43
C SER B 169 36.18 -18.12 -3.54
N LYS B 170 36.76 -18.25 -4.72
CA LYS B 170 36.31 -17.53 -5.91
C LYS B 170 35.46 -18.46 -6.79
N GLU B 171 35.11 -19.62 -6.22
CA GLU B 171 34.53 -20.73 -6.99
C GLU B 171 32.99 -20.77 -7.02
N TYR B 172 32.43 -20.79 -8.23
CA TYR B 172 30.98 -20.93 -8.42
C TYR B 172 30.61 -22.27 -9.03
N GLN B 173 29.51 -22.84 -8.56
CA GLN B 173 28.86 -23.93 -9.26
C GLN B 173 27.45 -23.45 -9.57
N ILE B 174 26.78 -24.14 -10.47
CA ILE B 174 25.38 -23.84 -10.73
C ILE B 174 24.52 -24.34 -9.58
N ALA B 175 23.57 -23.53 -9.14
CA ALA B 175 22.71 -23.86 -8.03
C ALA B 175 21.64 -24.85 -8.44
N PRO B 176 21.15 -25.63 -7.48
CA PRO B 176 20.06 -26.57 -7.81
C PRO B 176 18.92 -25.75 -8.38
N ILE B 177 18.20 -26.32 -9.34
CA ILE B 177 16.96 -25.70 -9.77
C ILE B 177 16.07 -25.48 -8.55
N PHE B 178 15.42 -24.33 -8.50
CA PHE B 178 14.53 -24.02 -7.39
C PHE B 178 13.40 -23.15 -7.85
N ASP B 179 12.59 -22.72 -6.89
CA ASP B 179 11.33 -22.09 -7.17
C ASP B 179 10.69 -22.53 -8.49
N CYS B 180 10.11 -23.72 -8.49
CA CYS B 180 9.16 -24.13 -9.53
C CYS B 180 7.70 -23.93 -9.10
N GLY B 181 7.46 -23.03 -8.13
CA GLY B 181 6.11 -22.75 -7.66
C GLY B 181 5.18 -22.15 -8.73
N SER B 182 5.79 -21.56 -9.76
CA SER B 182 5.04 -20.94 -10.84
C SER B 182 4.68 -21.92 -11.96
N CYS B 183 4.91 -23.20 -11.74
CA CYS B 183 4.65 -24.22 -12.75
C CYS B 183 3.30 -24.89 -12.54
N LEU B 184 2.88 -25.70 -13.52
CA LEU B 184 1.71 -26.60 -13.39
C LEU B 184 0.38 -25.97 -12.95
N TYR B 185 0.00 -24.85 -13.55
CA TYR B 185 -1.31 -24.23 -13.33
C TYR B 185 -1.67 -24.03 -11.85
N PRO B 186 -0.91 -23.17 -11.14
CA PRO B 186 -1.20 -22.98 -9.72
C PRO B 186 -2.56 -22.29 -9.51
N GLN B 187 -3.03 -21.52 -10.48
CA GLN B 187 -4.28 -20.78 -10.32
C GLN B 187 -5.54 -21.66 -10.38
N ALA B 188 -5.39 -22.91 -10.80
CA ALA B 188 -6.54 -23.77 -11.11
C ALA B 188 -7.29 -24.35 -9.89
N ASP B 189 -8.56 -23.97 -9.75
CA ASP B 189 -9.48 -24.59 -8.78
C ASP B 189 -9.82 -26.00 -9.17
N ASP B 190 -10.41 -26.73 -8.24
CA ASP B 190 -11.14 -27.93 -8.58
C ASP B 190 -12.13 -27.55 -9.67
N VAL B 191 -12.68 -26.34 -9.57
CA VAL B 191 -13.66 -25.82 -10.52
C VAL B 191 -13.04 -25.55 -11.88
N VAL B 192 -11.88 -24.90 -11.87
CA VAL B 192 -11.17 -24.60 -13.11
C VAL B 192 -10.77 -25.90 -13.83
N CYS B 193 -10.33 -26.89 -13.04
CA CYS B 193 -9.93 -28.20 -13.56
C CYS B 193 -11.04 -28.87 -14.37
N GLN B 194 -12.11 -29.24 -13.67
CA GLN B 194 -13.26 -29.87 -14.27
C GLN B 194 -13.77 -29.13 -15.50
N LYS B 195 -13.46 -27.85 -15.61
CA LYS B 195 -13.89 -27.10 -16.78
C LYS B 195 -12.94 -27.31 -17.96
N VAL B 196 -11.64 -27.24 -17.70
CA VAL B 196 -10.62 -27.44 -18.71
C VAL B 196 -10.68 -28.86 -19.29
N LEU B 197 -10.94 -29.83 -18.44
CA LEU B 197 -11.01 -31.22 -18.86
C LEU B 197 -12.22 -31.45 -19.75
N SER B 198 -13.24 -30.63 -19.60
CA SER B 198 -14.51 -30.83 -20.29
C SER B 198 -14.62 -29.99 -21.55
N ASN B 199 -13.70 -29.05 -21.73
CA ASN B 199 -13.78 -28.20 -22.90
C ASN B 199 -12.49 -28.23 -23.71
N ILE B 200 -12.58 -28.77 -24.91
CA ILE B 200 -11.42 -28.96 -25.76
C ILE B 200 -10.75 -27.64 -26.11
N ASP B 201 -11.54 -26.65 -26.52
CA ASP B 201 -11.00 -25.32 -26.85
C ASP B 201 -10.36 -24.71 -25.61
N GLU B 202 -10.87 -25.09 -24.44
CA GLU B 202 -10.36 -24.59 -23.19
C GLU B 202 -9.00 -25.19 -22.83
N LEU B 203 -8.87 -26.51 -22.98
CA LEU B 203 -7.62 -27.20 -22.69
C LEU B 203 -6.57 -26.86 -23.72
N ASN B 204 -6.96 -26.86 -24.99
CA ASN B 204 -6.07 -26.49 -26.07
C ASN B 204 -5.36 -25.15 -25.85
N ALA B 205 -6.13 -24.17 -25.38
CA ALA B 205 -5.61 -22.83 -25.13
C ALA B 205 -4.55 -22.85 -24.05
N ARG B 206 -4.64 -23.82 -23.14
CA ARG B 206 -3.70 -23.95 -22.03
C ARG B 206 -2.52 -24.85 -22.38
N ILE B 207 -2.40 -25.12 -23.68
CA ILE B 207 -1.21 -25.73 -24.26
C ILE B 207 -0.57 -24.72 -25.20
N TYR B 208 -1.36 -24.26 -26.18
CA TYR B 208 -0.86 -23.54 -27.34
C TYR B 208 -0.68 -22.04 -27.13
N ASN B 209 -1.46 -21.46 -26.22
CA ASN B 209 -1.50 -20.01 -26.05
C ASN B 209 -0.85 -19.51 -24.75
N PHE B 210 -1.01 -20.27 -23.67
CA PHE B 210 -0.46 -19.93 -22.37
C PHE B 210 -0.62 -21.15 -21.48
N PRO B 211 0.19 -21.26 -20.42
CA PRO B 211 1.15 -20.27 -19.93
C PRO B 211 2.28 -20.10 -20.92
N GLN B 212 2.86 -18.89 -20.93
CA GLN B 212 3.97 -18.61 -21.82
C GLN B 212 5.16 -18.38 -20.96
N SER B 213 6.33 -18.44 -21.59
CA SER B 213 7.59 -18.24 -20.90
C SER B 213 7.85 -16.78 -20.58
N ILE B 214 8.59 -16.52 -19.50
CA ILE B 214 8.88 -15.15 -19.10
C ILE B 214 9.97 -14.54 -19.98
N LEU B 215 10.75 -15.38 -20.66
CA LEU B 215 11.70 -14.89 -21.66
C LEU B 215 10.98 -14.25 -22.87
N LYS B 216 11.56 -13.18 -23.40
CA LYS B 216 10.93 -12.42 -24.47
C LYS B 216 11.83 -12.32 -25.70
N ASP B 217 11.20 -12.30 -26.88
CA ASP B 217 11.92 -12.09 -28.13
C ASP B 217 12.29 -10.61 -28.33
N ASP B 218 12.89 -10.30 -29.46
CA ASP B 218 13.42 -8.96 -29.68
C ASP B 218 12.36 -7.90 -29.95
N ASN B 219 11.09 -8.33 -30.03
CA ASN B 219 9.97 -7.39 -30.07
C ASN B 219 9.32 -7.25 -28.68
N ASP B 220 9.98 -7.82 -27.68
CA ASP B 220 9.53 -7.71 -26.29
C ASP B 220 8.28 -8.52 -25.97
N LYS B 221 7.96 -9.45 -26.85
CA LYS B 221 6.78 -10.29 -26.68
C LYS B 221 7.19 -11.58 -25.98
N LYS B 222 6.44 -11.96 -24.95
CA LYS B 222 6.70 -13.21 -24.22
C LYS B 222 6.81 -14.43 -25.16
N ILE B 223 7.76 -15.31 -24.88
CA ILE B 223 8.04 -16.43 -25.77
C ILE B 223 7.05 -17.58 -25.64
N ASN B 224 6.44 -17.94 -26.76
CA ASN B 224 5.45 -19.01 -26.79
C ASN B 224 6.13 -20.37 -26.93
N TYR B 225 6.05 -21.19 -25.89
CA TYR B 225 6.72 -22.49 -25.88
C TYR B 225 6.50 -23.28 -27.18
N TYR B 226 5.24 -23.48 -27.57
CA TYR B 226 4.94 -24.21 -28.80
C TYR B 226 5.53 -23.53 -30.04
N ASP B 227 5.29 -22.24 -30.19
CA ASP B 227 5.78 -21.57 -31.39
C ASP B 227 7.30 -21.59 -31.40
N PHE B 228 7.89 -21.37 -30.23
CA PHE B 228 9.34 -21.24 -30.18
C PHE B 228 10.04 -22.51 -30.60
N LEU B 229 9.91 -23.57 -29.82
CA LEU B 229 10.74 -24.74 -30.09
C LEU B 229 10.27 -25.66 -31.24
N THR B 230 9.12 -25.39 -31.84
CA THR B 230 8.81 -26.08 -33.08
C THR B 230 9.35 -25.32 -34.28
N GLN B 231 9.88 -24.13 -34.00
CA GLN B 231 10.43 -23.30 -35.06
C GLN B 231 11.89 -22.90 -34.88
N THR B 232 12.41 -23.05 -33.66
CA THR B 232 13.78 -22.63 -33.37
C THR B 232 14.80 -23.39 -34.21
N ASN B 233 15.89 -22.68 -34.57
CA ASN B 233 17.02 -23.30 -35.27
C ASN B 233 18.26 -23.12 -34.43
N ASN B 234 18.02 -22.67 -33.20
CA ASN B 234 19.05 -22.55 -32.18
C ASN B 234 19.58 -23.94 -31.78
N LYS B 235 20.70 -24.31 -32.36
CA LYS B 235 21.30 -25.62 -32.17
C LYS B 235 21.45 -26.03 -30.70
N ASP B 236 21.57 -25.07 -29.79
CA ASP B 236 21.73 -25.38 -28.37
C ASP B 236 20.43 -25.80 -27.73
N CYS B 237 19.35 -25.20 -28.21
CA CYS B 237 18.03 -25.51 -27.71
C CYS B 237 17.60 -26.88 -28.20
N LEU B 238 17.73 -27.10 -29.51
CA LEU B 238 17.53 -28.41 -30.10
C LEU B 238 18.33 -29.47 -29.39
N ASP B 239 19.64 -29.25 -29.22
CA ASP B 239 20.51 -30.22 -28.55
C ASP B 239 20.01 -30.56 -27.16
N ALA B 240 19.40 -29.59 -26.48
CA ALA B 240 18.94 -29.82 -25.12
C ALA B 240 17.65 -30.62 -25.14
N LEU B 241 16.90 -30.49 -26.23
CA LEU B 241 15.73 -31.32 -26.42
C LEU B 241 16.17 -32.77 -26.53
N LEU B 242 17.20 -33.01 -27.34
CA LEU B 242 17.69 -34.36 -27.56
C LEU B 242 18.27 -34.92 -26.27
N ARG B 243 18.91 -34.07 -25.48
CA ARG B 243 19.52 -34.53 -24.23
C ARG B 243 18.48 -35.05 -23.25
N ILE B 244 17.39 -34.29 -23.13
CA ILE B 244 16.46 -34.40 -22.04
C ILE B 244 15.29 -35.32 -22.36
N TYR B 245 14.82 -35.27 -23.61
CA TYR B 245 13.66 -36.07 -24.00
C TYR B 245 13.71 -37.53 -23.49
N PRO B 246 14.82 -38.24 -23.76
CA PRO B 246 14.93 -39.61 -23.27
C PRO B 246 14.69 -39.76 -21.77
N ARG B 247 14.98 -38.72 -20.98
CA ARG B 247 14.86 -38.85 -19.53
C ARG B 247 13.45 -38.58 -19.02
N ILE B 248 12.54 -38.27 -19.94
CA ILE B 248 11.15 -38.11 -19.57
C ILE B 248 10.54 -39.47 -19.40
N ASP B 249 9.87 -39.68 -18.28
CA ASP B 249 9.34 -40.98 -17.97
C ASP B 249 7.95 -40.74 -17.39
N MET B 250 6.94 -40.82 -18.26
CA MET B 250 5.60 -40.35 -17.93
C MET B 250 4.94 -41.25 -16.90
N ASN B 251 5.51 -42.43 -16.71
CA ASN B 251 5.06 -43.30 -15.66
C ASN B 251 5.50 -42.81 -14.31
N LYS B 252 6.81 -42.56 -14.21
CA LYS B 252 7.39 -42.01 -13.01
C LYS B 252 6.66 -40.71 -12.65
N ILE B 253 6.35 -39.91 -13.67
CA ILE B 253 5.71 -38.61 -13.49
C ILE B 253 4.26 -38.73 -13.00
N HIS B 254 3.46 -39.54 -13.69
CA HIS B 254 2.12 -39.87 -13.21
C HIS B 254 2.15 -40.46 -11.82
N SER B 255 3.18 -41.22 -11.52
CA SER B 255 3.29 -41.78 -10.19
C SER B 255 3.60 -40.71 -9.14
N ILE B 256 4.44 -39.75 -9.51
CA ILE B 256 4.76 -38.63 -8.63
C ILE B 256 3.47 -37.94 -8.26
N ILE B 257 2.68 -37.60 -9.29
CA ILE B 257 1.41 -36.94 -9.08
C ILE B 257 0.46 -37.74 -8.18
N ASP B 258 0.40 -39.07 -8.38
CA ASP B 258 -0.48 -39.92 -7.58
C ASP B 258 -0.12 -39.98 -6.12
N ASN B 259 1.19 -40.00 -5.85
CA ASN B 259 1.68 -40.09 -4.49
C ASN B 259 1.80 -38.73 -3.78
N THR B 260 1.33 -37.66 -4.42
CA THR B 260 1.39 -36.33 -3.81
C THR B 260 0.39 -36.21 -2.67
N PRO B 261 0.87 -35.90 -1.47
CA PRO B 261 0.03 -35.83 -0.28
C PRO B 261 -1.01 -34.72 -0.44
N PHE B 262 -2.07 -34.75 0.37
CA PHE B 262 -2.97 -33.61 0.51
C PHE B 262 -3.78 -33.27 -0.73
N MET B 263 -3.17 -33.39 -1.91
CA MET B 263 -3.81 -32.97 -3.15
C MET B 263 -5.09 -33.75 -3.48
N SER B 264 -6.07 -33.05 -4.03
CA SER B 264 -7.38 -33.63 -4.34
C SER B 264 -7.34 -34.46 -5.61
N GLU B 265 -8.17 -35.52 -5.68
CA GLU B 265 -8.12 -36.46 -6.81
C GLU B 265 -8.47 -35.78 -8.14
N ILE B 266 -9.36 -34.79 -8.10
CA ILE B 266 -9.67 -34.02 -9.30
C ILE B 266 -8.45 -33.25 -9.79
N HIS B 267 -7.72 -32.62 -8.87
CA HIS B 267 -6.53 -31.91 -9.27
C HIS B 267 -5.49 -32.88 -9.82
N LYS B 268 -5.39 -34.06 -9.22
CA LYS B 268 -4.45 -35.06 -9.68
C LYS B 268 -4.80 -35.42 -11.12
N GLU B 269 -6.09 -35.54 -11.38
CA GLU B 269 -6.51 -35.95 -12.70
C GLU B 269 -6.18 -34.84 -13.69
N PHE B 270 -6.39 -33.61 -13.25
CA PHE B 270 -6.05 -32.44 -14.03
C PHE B 270 -4.58 -32.43 -14.43
N LEU B 271 -3.70 -32.68 -13.47
CA LEU B 271 -2.29 -32.74 -13.81
C LEU B 271 -1.90 -33.95 -14.69
N HIS B 272 -2.60 -35.09 -14.56
CA HIS B 272 -2.26 -36.25 -15.38
C HIS B 272 -2.53 -35.91 -16.83
N THR B 273 -3.70 -35.34 -17.09
CA THR B 273 -4.13 -35.12 -18.45
C THR B 273 -3.26 -34.04 -19.06
N MET B 274 -3.14 -32.93 -18.34
CA MET B 274 -2.36 -31.78 -18.76
C MET B 274 -0.88 -32.11 -19.02
N LEU B 275 -0.27 -32.88 -18.15
CA LEU B 275 1.11 -33.26 -18.41
C LEU B 275 1.25 -34.12 -19.67
N ASP B 276 0.35 -35.07 -19.86
CA ASP B 276 0.30 -35.85 -21.10
C ASP B 276 0.15 -34.94 -22.34
N GLU B 277 -0.86 -34.08 -22.32
CA GLU B 277 -1.07 -33.15 -23.42
C GLU B 277 0.20 -32.31 -23.66
N ARG B 278 0.78 -31.75 -22.59
CA ARG B 278 2.00 -30.95 -22.77
C ARG B 278 3.12 -31.81 -23.37
N LYS B 279 3.28 -33.03 -22.86
CA LYS B 279 4.23 -33.97 -23.43
C LYS B 279 4.00 -34.26 -24.92
N SER B 280 2.77 -34.52 -25.33
CA SER B 280 2.58 -34.84 -26.75
C SER B 280 2.45 -33.63 -27.67
N LYS B 281 1.75 -32.61 -27.21
CA LYS B 281 1.48 -31.47 -28.07
C LYS B 281 2.73 -30.63 -28.29
N ILE B 282 3.65 -30.63 -27.34
CA ILE B 282 4.80 -29.74 -27.42
C ILE B 282 6.15 -30.47 -27.48
N ILE B 283 6.51 -31.17 -26.40
CA ILE B 283 7.80 -31.82 -26.35
C ILE B 283 8.00 -32.76 -27.54
N ASP B 284 7.09 -33.74 -27.68
CA ASP B 284 7.15 -34.73 -28.75
C ASP B 284 7.28 -34.07 -30.12
N VAL B 285 6.33 -33.21 -30.46
CA VAL B 285 6.37 -32.54 -31.75
C VAL B 285 7.73 -31.84 -31.95
N ALA B 286 8.21 -31.13 -30.95
CA ALA B 286 9.47 -30.43 -31.07
C ALA B 286 10.65 -31.40 -31.12
N HIS B 287 10.53 -32.50 -30.38
CA HIS B 287 11.62 -33.46 -30.30
C HIS B 287 11.78 -34.26 -31.60
N THR B 288 10.66 -34.63 -32.20
CA THR B 288 10.66 -35.30 -33.48
C THR B 288 11.24 -34.41 -34.59
N ARG B 289 10.92 -33.12 -34.58
CA ARG B 289 11.56 -32.19 -35.50
C ARG B 289 13.06 -32.13 -35.24
N ALA B 290 13.43 -32.11 -33.96
CA ALA B 290 14.84 -32.00 -33.57
C ALA B 290 15.68 -33.14 -34.14
N ILE B 291 15.20 -34.37 -33.99
CA ILE B 291 15.82 -35.53 -34.60
C ILE B 291 15.97 -35.32 -36.11
N GLU B 292 14.88 -34.88 -36.74
CA GLU B 292 14.85 -34.73 -38.18
C GLU B 292 15.98 -33.85 -38.67
N LEU B 293 16.07 -32.65 -38.10
CA LEU B 293 17.08 -31.68 -38.52
C LEU B 293 18.46 -32.22 -38.23
N SER B 294 18.58 -32.97 -37.14
CA SER B 294 19.88 -33.43 -36.66
C SER B 294 20.41 -34.54 -37.55
N LEU B 295 19.51 -35.41 -37.99
CA LEU B 295 19.87 -36.48 -38.90
C LEU B 295 20.24 -35.86 -40.24
N GLN B 296 19.70 -34.67 -40.53
CA GLN B 296 20.06 -34.00 -41.77
C GLN B 296 21.57 -33.76 -41.79
N HIS B 297 22.24 -34.37 -42.75
CA HIS B 297 23.69 -34.27 -42.87
C HIS B 297 24.08 -33.55 -44.17
N PRO C 2 -20.56 27.93 -26.21
CA PRO C 2 -19.12 28.03 -25.98
C PRO C 2 -18.70 27.15 -24.79
N THR C 3 -18.37 27.81 -23.69
CA THR C 3 -18.07 27.11 -22.45
C THR C 3 -18.97 27.63 -21.34
N ILE C 4 -19.31 26.75 -20.42
CA ILE C 4 -20.22 27.07 -19.34
C ILE C 4 -19.51 27.87 -18.27
N ASP C 5 -20.17 28.91 -17.79
CA ASP C 5 -19.77 29.65 -16.59
C ASP C 5 -20.72 29.32 -15.43
N PHE C 6 -20.19 28.74 -14.36
CA PHE C 6 -20.99 28.29 -13.22
C PHE C 6 -20.96 29.31 -12.12
N THR C 7 -20.02 30.25 -12.24
CA THR C 7 -19.73 31.24 -11.21
C THR C 7 -20.95 31.82 -10.47
N PHE C 8 -21.94 32.27 -11.23
CA PHE C 8 -23.10 32.92 -10.62
C PHE C 8 -24.28 31.99 -10.29
N CYS C 9 -24.08 30.69 -10.44
CA CYS C 9 -25.16 29.76 -10.14
C CYS C 9 -25.55 29.82 -8.68
N GLU C 10 -26.82 29.56 -8.42
CA GLU C 10 -27.35 29.49 -7.08
C GLU C 10 -26.63 28.40 -6.27
N ILE C 11 -25.87 28.80 -5.27
CA ILE C 11 -25.33 27.84 -4.33
C ILE C 11 -26.47 27.28 -3.51
N ASN C 12 -26.34 26.02 -3.10
CA ASN C 12 -27.26 25.40 -2.15
C ASN C 12 -26.52 25.09 -0.87
N PRO C 13 -26.75 25.91 0.15
CA PRO C 13 -26.08 25.85 1.47
C PRO C 13 -26.55 24.70 2.35
N LYS C 14 -27.54 23.94 1.89
CA LYS C 14 -28.12 22.86 2.69
C LYS C 14 -27.54 21.48 2.35
N LYS C 15 -26.32 21.45 1.81
CA LYS C 15 -25.73 20.19 1.36
C LYS C 15 -24.21 20.21 1.20
N GLY C 16 -23.52 19.34 1.93
CA GLY C 16 -22.08 19.20 1.81
C GLY C 16 -21.64 17.84 1.27
N PHE C 17 -20.33 17.61 1.23
CA PHE C 17 -19.78 16.44 0.60
C PHE C 17 -18.49 15.98 1.28
N GLY C 18 -18.29 14.67 1.34
CA GLY C 18 -17.13 14.12 2.02
C GLY C 18 -15.87 14.15 1.17
N GLY C 19 -14.79 13.55 1.69
CA GLY C 19 -13.58 13.32 0.93
C GLY C 19 -12.54 14.38 1.16
N ALA C 20 -11.32 13.95 1.40
CA ALA C 20 -10.28 14.90 1.75
C ALA C 20 -9.55 15.40 0.52
N ASN C 21 -9.92 14.87 -0.65
CA ASN C 21 -9.29 15.23 -1.94
C ASN C 21 -9.75 16.55 -2.57
N GLY C 22 -10.16 17.51 -1.76
CA GLY C 22 -10.53 18.80 -2.30
C GLY C 22 -11.89 19.25 -1.83
N ASN C 23 -12.17 20.54 -2.02
CA ASN C 23 -13.45 21.07 -1.58
C ASN C 23 -14.56 20.77 -2.60
N LYS C 24 -15.79 20.67 -2.11
CA LYS C 24 -16.96 20.56 -2.97
C LYS C 24 -18.05 21.52 -2.50
N ILE C 25 -18.82 22.05 -3.46
CA ILE C 25 -20.05 22.78 -3.13
C ILE C 25 -21.26 22.19 -3.85
N SER C 26 -22.43 22.34 -3.24
CA SER C 26 -23.65 21.95 -3.89
C SER C 26 -24.11 23.15 -4.67
N LEU C 27 -24.56 22.95 -5.91
CA LEU C 27 -24.88 24.06 -6.80
C LEU C 27 -26.03 23.77 -7.79
N PHE C 28 -26.87 24.77 -8.06
CA PHE C 28 -27.96 24.63 -9.03
C PHE C 28 -27.54 24.99 -10.46
N TYR C 29 -27.71 24.05 -11.39
CA TYR C 29 -27.56 24.34 -12.80
C TYR C 29 -28.81 23.85 -13.50
N ASN C 30 -29.43 24.71 -14.29
CA ASN C 30 -30.78 24.50 -14.80
C ASN C 30 -31.70 23.87 -13.76
N ASN C 31 -31.60 24.39 -12.55
CA ASN C 31 -32.41 23.96 -11.44
C ASN C 31 -32.20 22.49 -11.12
N GLU C 32 -31.04 21.99 -11.52
CA GLU C 32 -30.63 20.66 -11.13
C GLU C 32 -29.38 20.75 -10.26
N LEU C 33 -29.45 20.13 -9.09
CA LEU C 33 -28.33 20.11 -8.16
C LEU C 33 -27.11 19.43 -8.80
N TYR C 34 -25.94 19.99 -8.53
CA TYR C 34 -24.69 19.36 -8.91
C TYR C 34 -23.78 19.30 -7.70
N MET C 35 -22.84 18.36 -7.72
CA MET C 35 -21.70 18.44 -6.83
C MET C 35 -20.55 18.99 -7.66
N VAL C 36 -20.00 20.13 -7.26
CA VAL C 36 -18.86 20.71 -7.96
C VAL C 36 -17.58 20.43 -7.22
N LYS C 37 -16.60 19.86 -7.90
CA LYS C 37 -15.30 19.60 -7.29
C LYS C 37 -14.26 20.56 -7.81
N PHE C 38 -13.35 20.96 -6.92
CA PHE C 38 -12.28 21.89 -7.30
C PHE C 38 -10.94 21.18 -7.33
N PRO C 39 -10.06 21.62 -8.26
CA PRO C 39 -8.65 21.24 -8.21
C PRO C 39 -8.14 21.42 -6.78
N PRO C 40 -7.66 20.33 -6.13
CA PRO C 40 -6.97 20.49 -4.84
C PRO C 40 -5.54 20.97 -5.08
N LYS C 41 -5.06 21.90 -4.26
CA LYS C 41 -3.67 22.35 -4.32
C LYS C 41 -3.01 22.22 -2.94
N PRO C 42 -1.69 22.48 -2.84
CA PRO C 42 -1.01 22.31 -1.55
C PRO C 42 -1.77 22.92 -0.37
N THR C 51 -2.72 19.40 -11.26
CA THR C 51 -3.65 18.28 -11.38
C THR C 51 -4.66 18.44 -12.51
N ASN C 52 -5.11 17.30 -13.04
CA ASN C 52 -6.11 17.29 -14.09
C ASN C 52 -7.22 16.34 -13.68
N GLY C 53 -7.39 16.25 -12.37
CA GLY C 53 -8.46 15.48 -11.75
C GLY C 53 -9.80 15.82 -12.39
N CYS C 54 -10.08 17.11 -12.50
CA CYS C 54 -11.33 17.59 -13.10
C CYS C 54 -11.56 17.10 -14.53
N PHE C 55 -10.54 17.22 -15.36
CA PHE C 55 -10.59 16.65 -16.71
C PHE C 55 -10.69 15.12 -16.68
N SER C 56 -9.92 14.49 -15.80
CA SER C 56 -9.98 13.03 -15.72
C SER C 56 -11.42 12.58 -15.42
N GLU C 57 -11.99 13.13 -14.36
CA GLU C 57 -13.35 12.86 -13.95
C GLU C 57 -14.35 13.00 -15.10
N TYR C 58 -14.27 14.12 -15.82
CA TYR C 58 -15.14 14.40 -16.94
C TYR C 58 -14.95 13.48 -18.12
N VAL C 59 -13.70 13.28 -18.55
CA VAL C 59 -13.47 12.46 -19.75
C VAL C 59 -13.69 10.95 -19.49
N ALA C 60 -13.23 10.48 -18.33
CA ALA C 60 -13.47 9.12 -17.89
C ALA C 60 -14.98 8.86 -17.87
N CYS C 61 -15.72 9.66 -17.12
CA CYS C 61 -17.16 9.48 -17.04
C CYS C 61 -17.82 9.44 -18.39
N HIS C 62 -17.51 10.39 -19.27
CA HIS C 62 -18.10 10.33 -20.60
C HIS C 62 -17.75 9.05 -21.35
N ILE C 63 -16.49 8.61 -21.27
CA ILE C 63 -16.14 7.32 -21.83
C ILE C 63 -16.98 6.18 -21.21
N VAL C 64 -17.02 6.12 -19.88
CA VAL C 64 -17.83 5.14 -19.19
C VAL C 64 -19.23 5.19 -19.80
N ASN C 65 -19.76 6.39 -19.97
CA ASN C 65 -21.05 6.51 -20.61
C ASN C 65 -21.09 5.86 -21.99
N SER C 66 -20.03 5.99 -22.77
CA SER C 66 -20.00 5.36 -24.09
C SER C 66 -19.94 3.82 -24.05
N LEU C 67 -19.66 3.24 -22.90
CA LEU C 67 -19.70 1.78 -22.79
C LEU C 67 -21.10 1.29 -22.41
N GLY C 68 -21.99 2.23 -22.11
CA GLY C 68 -23.34 1.90 -21.74
C GLY C 68 -23.47 1.54 -20.28
N LEU C 69 -22.41 1.73 -19.51
CA LEU C 69 -22.50 1.55 -18.07
C LEU C 69 -23.13 2.78 -17.42
N LYS C 70 -23.98 2.57 -16.42
CA LYS C 70 -24.62 3.69 -15.74
C LYS C 70 -23.58 4.51 -14.96
N VAL C 71 -23.46 5.79 -15.31
CA VAL C 71 -22.47 6.66 -14.67
C VAL C 71 -23.00 8.07 -14.38
N GLN C 72 -22.39 8.75 -13.41
CA GLN C 72 -22.78 10.11 -13.08
C GLN C 72 -22.58 11.02 -14.29
N GLU C 73 -23.45 12.02 -14.42
CA GLU C 73 -23.39 12.98 -15.52
C GLU C 73 -22.46 14.15 -15.15
N THR C 74 -21.50 14.44 -16.02
CA THR C 74 -20.47 15.39 -15.68
C THR C 74 -20.41 16.51 -16.72
N LEU C 75 -20.15 17.73 -16.25
CA LEU C 75 -19.97 18.91 -17.10
C LEU C 75 -18.72 19.69 -16.68
N LEU C 76 -18.10 20.39 -17.63
CA LEU C 76 -16.87 21.15 -17.38
C LEU C 76 -17.08 22.64 -17.64
N GLY C 77 -16.78 23.45 -16.62
CA GLY C 77 -16.97 24.88 -16.70
C GLY C 77 -15.90 25.70 -15.98
N THR C 78 -16.14 27.01 -15.88
CA THR C 78 -15.34 27.88 -15.03
C THR C 78 -16.12 28.20 -13.79
N TYR C 79 -15.42 28.37 -12.67
CA TYR C 79 -16.02 28.88 -11.45
C TYR C 79 -15.01 29.79 -10.78
N LYS C 80 -15.35 31.07 -10.67
CA LYS C 80 -14.48 32.07 -10.05
C LYS C 80 -13.00 31.76 -10.27
N ASN C 81 -12.54 31.93 -11.50
CA ASN C 81 -11.08 31.87 -11.75
C ASN C 81 -10.47 30.48 -11.80
N LYS C 82 -11.27 29.46 -11.51
CA LYS C 82 -10.81 28.09 -11.59
C LYS C 82 -11.57 27.34 -12.69
N ILE C 83 -11.09 26.12 -12.97
CA ILE C 83 -11.75 25.22 -13.88
C ILE C 83 -12.35 24.12 -13.02
N VAL C 84 -13.65 23.85 -13.17
CA VAL C 84 -14.26 22.78 -12.38
C VAL C 84 -15.02 21.72 -13.16
N VAL C 85 -15.10 20.53 -12.57
CA VAL C 85 -16.00 19.50 -13.08
C VAL C 85 -17.22 19.50 -12.18
N ALA C 86 -18.41 19.51 -12.77
CA ALA C 86 -19.62 19.49 -11.98
C ALA C 86 -20.32 18.17 -12.23
N CYS C 87 -20.64 17.46 -11.15
CA CYS C 87 -21.20 16.11 -11.26
C CYS C 87 -22.65 16.10 -10.83
N LYS C 88 -23.59 15.91 -11.77
CA LYS C 88 -24.99 15.96 -11.38
C LYS C 88 -25.22 15.11 -10.11
N ASP C 89 -25.90 15.69 -9.15
CA ASP C 89 -26.10 15.05 -7.88
C ASP C 89 -27.20 13.97 -7.98
N PHE C 90 -26.78 12.71 -7.81
CA PHE C 90 -27.69 11.58 -7.90
C PHE C 90 -28.26 11.10 -6.55
N THR C 91 -27.85 11.75 -5.47
CA THR C 91 -28.47 11.49 -4.17
C THR C 91 -29.51 12.52 -3.77
N THR C 92 -29.99 13.31 -4.72
CA THR C 92 -31.24 14.02 -4.50
C THR C 92 -32.38 13.32 -5.23
N HIS C 93 -33.60 13.65 -4.83
CA HIS C 93 -34.75 12.73 -4.92
C HIS C 93 -34.67 11.94 -3.61
N GLN C 94 -33.86 12.49 -2.71
CA GLN C 94 -33.60 11.90 -1.40
C GLN C 94 -33.34 10.39 -1.49
N TYR C 95 -32.16 10.06 -2.02
CA TYR C 95 -31.51 8.80 -1.73
C TYR C 95 -30.35 9.20 -0.85
N GLU C 96 -30.01 8.39 0.15
CA GLU C 96 -28.70 8.58 0.75
C GLU C 96 -27.75 7.58 0.12
N LEU C 97 -26.50 8.01 -0.08
CA LEU C 97 -25.47 7.19 -0.68
C LEU C 97 -24.78 6.40 0.42
N VAL C 98 -24.79 5.08 0.31
CA VAL C 98 -24.12 4.18 1.24
C VAL C 98 -23.02 3.49 0.45
N ASP C 99 -21.78 3.69 0.82
CA ASP C 99 -20.69 3.20 -0.01
C ASP C 99 -20.44 1.71 0.22
N PHE C 100 -19.69 1.08 -0.66
CA PHE C 100 -19.32 -0.29 -0.44
C PHE C 100 -18.56 -0.50 0.89
N LEU C 101 -17.61 0.38 1.16
CA LEU C 101 -16.86 0.30 2.42
C LEU C 101 -17.78 0.03 3.61
N SER C 102 -18.89 0.77 3.71
CA SER C 102 -19.79 0.66 4.87
C SER C 102 -20.40 -0.72 4.96
N LEU C 103 -20.81 -1.22 3.80
CA LEU C 103 -21.39 -2.53 3.67
C LEU C 103 -20.36 -3.59 4.07
N LYS C 104 -19.10 -3.39 3.66
CA LYS C 104 -18.09 -4.40 3.87
C LYS C 104 -17.71 -4.43 5.35
N ASN C 105 -18.00 -3.36 6.05
CA ASN C 105 -17.74 -3.31 7.48
C ASN C 105 -18.63 -4.27 8.29
N THR C 106 -19.71 -4.75 7.67
CA THR C 106 -20.61 -5.68 8.36
C THR C 106 -20.20 -7.16 8.19
N MET C 107 -19.22 -7.41 7.33
CA MET C 107 -18.73 -8.75 7.09
C MET C 107 -17.66 -9.09 8.11
N ILE C 108 -18.10 -9.35 9.35
CA ILE C 108 -17.22 -9.61 10.48
C ILE C 108 -16.39 -10.89 10.38
N GLU C 109 -16.94 -11.93 9.76
CA GLU C 109 -16.20 -13.17 9.59
C GLU C 109 -14.84 -12.89 8.94
N LEU C 110 -14.82 -11.94 8.01
CA LEU C 110 -13.62 -11.59 7.26
C LEU C 110 -12.44 -11.14 8.13
N GLU C 111 -12.73 -10.76 9.37
CA GLU C 111 -11.68 -10.30 10.29
C GLU C 111 -10.96 -9.04 9.75
N LYS C 112 -11.48 -8.48 8.66
CA LYS C 112 -10.81 -7.39 7.96
C LYS C 112 -11.64 -6.12 7.99
N SER C 113 -10.96 -4.98 8.10
CA SER C 113 -11.60 -3.68 7.97
C SER C 113 -12.28 -3.52 6.60
N GLY C 114 -13.41 -2.81 6.57
CA GLY C 114 -14.14 -2.58 5.33
C GLY C 114 -13.33 -1.80 4.31
N LYS C 115 -12.43 -0.96 4.83
CA LYS C 115 -11.52 -0.18 3.99
C LYS C 115 -10.55 -1.06 3.19
N ASP C 116 -10.15 -2.18 3.77
CA ASP C 116 -9.23 -3.09 3.08
C ASP C 116 -9.77 -3.54 1.74
N THR C 117 -8.90 -3.63 0.73
CA THR C 117 -9.33 -3.90 -0.63
C THR C 117 -8.85 -5.24 -1.23
N ASN C 118 -8.43 -6.15 -0.36
CA ASN C 118 -8.18 -7.51 -0.80
C ASN C 118 -9.31 -7.95 -1.70
N LEU C 119 -8.99 -8.39 -2.90
CA LEU C 119 -9.99 -8.65 -3.92
C LEU C 119 -10.90 -9.84 -3.55
N ASN C 120 -10.32 -10.88 -2.98
CA ASN C 120 -11.12 -12.01 -2.55
C ASN C 120 -12.13 -11.61 -1.47
N ASP C 121 -11.65 -10.85 -0.49
CA ASP C 121 -12.55 -10.37 0.57
C ASP C 121 -13.70 -9.54 -0.03
N VAL C 122 -13.37 -8.74 -1.04
CA VAL C 122 -14.37 -7.90 -1.71
C VAL C 122 -15.41 -8.76 -2.43
N LEU C 123 -14.94 -9.81 -3.08
CA LEU C 123 -15.82 -10.76 -3.75
C LEU C 123 -16.68 -11.51 -2.72
N TYR C 124 -16.07 -11.96 -1.63
CA TYR C 124 -16.86 -12.58 -0.58
C TYR C 124 -17.98 -11.66 -0.12
N ALA C 125 -17.67 -10.38 0.07
CA ALA C 125 -18.67 -9.42 0.55
C ALA C 125 -19.85 -9.35 -0.42
N ILE C 126 -19.52 -9.14 -1.69
CA ILE C 126 -20.51 -9.18 -2.75
C ILE C 126 -21.45 -10.38 -2.59
N ASP C 127 -20.88 -11.56 -2.47
CA ASP C 127 -21.67 -12.78 -2.36
C ASP C 127 -22.57 -12.82 -1.11
N ASN C 128 -22.09 -12.29 0.01
CA ASN C 128 -22.83 -12.39 1.27
C ASN C 128 -23.58 -11.12 1.73
N GLN C 129 -23.80 -10.16 0.83
CA GLN C 129 -24.51 -8.93 1.20
C GLN C 129 -25.99 -9.00 0.85
N HIS C 130 -26.82 -8.10 1.42
CA HIS C 130 -28.25 -8.19 1.19
C HIS C 130 -28.89 -6.88 0.73
N PHE C 131 -28.08 -6.03 0.11
CA PHE C 131 -28.60 -4.80 -0.49
C PHE C 131 -29.14 -5.12 -1.88
N ILE C 132 -28.30 -5.71 -2.70
CA ILE C 132 -28.63 -6.05 -4.08
C ILE C 132 -28.47 -7.55 -4.31
N GLU C 133 -29.21 -8.07 -5.28
CA GLU C 133 -29.03 -9.45 -5.73
C GLU C 133 -27.55 -9.65 -6.08
N PRO C 134 -26.86 -10.49 -5.30
CA PRO C 134 -25.43 -10.78 -5.47
C PRO C 134 -25.06 -11.02 -6.92
N LYS C 135 -25.98 -11.58 -7.69
CA LYS C 135 -25.72 -11.79 -9.10
C LYS C 135 -25.61 -10.43 -9.78
N VAL C 136 -26.56 -9.55 -9.48
CA VAL C 136 -26.58 -8.23 -10.09
C VAL C 136 -25.29 -7.51 -9.78
N LEU C 137 -24.92 -7.53 -8.50
CA LEU C 137 -23.75 -6.82 -8.02
C LEU C 137 -22.47 -7.34 -8.65
N LYS C 138 -22.40 -8.65 -8.79
CA LYS C 138 -21.20 -9.28 -9.32
C LYS C 138 -20.92 -8.73 -10.71
N CYS C 139 -21.95 -8.69 -11.55
CA CYS C 139 -21.79 -8.26 -12.94
C CYS C 139 -21.47 -6.76 -13.05
N PHE C 140 -22.09 -5.94 -12.20
CA PHE C 140 -21.72 -4.55 -12.10
C PHE C 140 -20.25 -4.33 -11.72
N PHE C 141 -19.76 -5.09 -10.74
CA PHE C 141 -18.41 -4.92 -10.24
C PHE C 141 -17.36 -5.16 -11.32
N TRP C 142 -17.47 -6.31 -11.99
CA TRP C 142 -16.55 -6.62 -13.08
C TRP C 142 -16.79 -5.67 -14.26
N ASP C 143 -18.03 -5.28 -14.49
CA ASP C 143 -18.27 -4.24 -15.48
C ASP C 143 -17.41 -3.01 -15.14
N MET C 144 -17.49 -2.55 -13.91
CA MET C 144 -16.76 -1.37 -13.52
C MET C 144 -15.26 -1.61 -13.67
N PHE C 145 -14.81 -2.82 -13.31
CA PHE C 145 -13.39 -3.16 -13.39
C PHE C 145 -12.83 -3.15 -14.80
N VAL C 146 -13.56 -3.70 -15.75
CA VAL C 146 -13.17 -3.54 -17.15
C VAL C 146 -13.04 -2.06 -17.55
N ALA C 147 -14.02 -1.23 -17.22
CA ALA C 147 -13.98 0.19 -17.61
C ALA C 147 -12.73 0.84 -17.01
N ASP C 148 -12.51 0.50 -15.74
CA ASP C 148 -11.35 0.94 -15.00
C ASP C 148 -10.04 0.44 -15.62
N THR C 149 -10.08 -0.72 -16.24
CA THR C 149 -8.88 -1.23 -16.88
C THR C 149 -8.55 -0.35 -18.07
N LEU C 150 -9.57 -0.04 -18.88
CA LEU C 150 -9.37 0.80 -20.07
C LEU C 150 -8.97 2.20 -19.66
N LEU C 151 -9.56 2.70 -18.57
CA LEU C 151 -9.29 4.05 -18.10
C LEU C 151 -8.05 4.11 -17.20
N GLY C 152 -7.55 2.96 -16.79
CA GLY C 152 -6.46 2.91 -15.85
C GLY C 152 -6.78 3.62 -14.55
N ASN C 153 -7.74 3.08 -13.80
CA ASN C 153 -8.14 3.67 -12.53
C ASN C 153 -7.34 3.08 -11.39
N PHE C 154 -6.46 3.89 -10.80
CA PHE C 154 -5.66 3.46 -9.67
C PHE C 154 -6.30 3.67 -8.30
N ASP C 155 -7.58 4.02 -8.24
CA ASP C 155 -8.19 4.38 -6.96
C ASP C 155 -9.64 3.93 -6.80
N ARG C 156 -9.96 2.74 -7.27
CA ARG C 156 -11.30 2.18 -7.05
C ARG C 156 -11.41 1.59 -5.65
N HIS C 157 -11.23 2.40 -4.61
CA HIS C 157 -11.37 1.90 -3.24
C HIS C 157 -12.85 1.74 -2.86
N ASN C 158 -13.13 1.09 -1.73
CA ASN C 158 -14.50 0.68 -1.41
C ASN C 158 -15.41 1.84 -1.03
N GLY C 159 -14.83 3.02 -0.90
CA GLY C 159 -15.61 4.21 -0.70
C GLY C 159 -15.92 4.84 -2.03
N ASN C 160 -15.38 4.27 -3.11
CA ASN C 160 -15.54 4.88 -4.44
C ASN C 160 -16.60 4.24 -5.32
N TRP C 161 -17.47 3.45 -4.72
CA TRP C 161 -18.66 2.95 -5.36
C TRP C 161 -19.61 2.58 -4.25
N GLY C 162 -20.85 2.26 -4.59
CA GLY C 162 -21.84 2.02 -3.56
C GLY C 162 -23.26 1.90 -4.08
N PHE C 163 -24.22 2.33 -3.26
CA PHE C 163 -25.64 2.09 -3.53
C PHE C 163 -26.50 3.29 -3.13
N LEU C 164 -27.65 3.44 -3.78
CA LEU C 164 -28.62 4.44 -3.35
C LEU C 164 -29.71 3.83 -2.47
N ARG C 165 -29.69 4.15 -1.18
CA ARG C 165 -30.77 3.74 -0.30
C ARG C 165 -31.91 4.73 -0.42
N ALA C 166 -32.97 4.36 -1.12
CA ALA C 166 -34.17 5.18 -1.15
C ALA C 166 -34.69 5.35 0.28
N SER C 167 -34.96 6.58 0.69
CA SER C 167 -35.53 6.78 2.02
C SER C 167 -36.99 6.38 2.00
N ASN C 168 -37.43 5.73 3.08
CA ASN C 168 -38.79 5.16 3.19
C ASN C 168 -38.84 3.69 2.80
N SER C 169 -37.86 3.25 1.99
CA SER C 169 -37.90 1.89 1.46
C SER C 169 -36.75 1.02 1.94
N LYS C 170 -37.00 -0.28 1.94
CA LYS C 170 -36.01 -1.29 2.28
C LYS C 170 -34.99 -1.44 1.16
N GLU C 171 -35.42 -1.08 -0.05
CA GLU C 171 -34.73 -1.50 -1.28
C GLU C 171 -33.61 -0.58 -1.76
N TYR C 172 -32.42 -1.17 -1.86
CA TYR C 172 -31.27 -0.52 -2.46
C TYR C 172 -31.26 -0.71 -3.97
N GLN C 173 -30.64 0.23 -4.65
CA GLN C 173 -30.18 -0.01 -6.01
C GLN C 173 -28.70 0.35 -6.04
N ILE C 174 -28.01 -0.06 -7.10
CA ILE C 174 -26.60 0.25 -7.21
C ILE C 174 -26.43 1.70 -7.64
N ALA C 175 -25.57 2.43 -6.92
CA ALA C 175 -25.17 3.78 -7.30
C ALA C 175 -24.57 3.81 -8.71
N PRO C 176 -24.76 4.92 -9.43
CA PRO C 176 -24.07 5.09 -10.70
C PRO C 176 -22.57 5.19 -10.43
N ILE C 177 -21.75 4.73 -11.37
CA ILE C 177 -20.31 4.95 -11.27
C ILE C 177 -19.99 6.44 -11.00
N PHE C 178 -19.22 6.70 -9.95
CA PHE C 178 -18.73 8.06 -9.67
C PHE C 178 -17.23 8.08 -9.41
N ASP C 179 -16.72 9.26 -9.04
CA ASP C 179 -15.30 9.48 -8.80
C ASP C 179 -14.36 8.72 -9.74
N CYS C 180 -14.31 9.12 -11.01
CA CYS C 180 -13.35 8.57 -11.96
C CYS C 180 -12.19 9.52 -12.15
N GLY C 181 -12.03 10.43 -11.19
CA GLY C 181 -10.96 11.43 -11.27
C GLY C 181 -9.56 10.86 -11.18
N SER C 182 -9.46 9.67 -10.60
CA SER C 182 -8.21 8.91 -10.50
C SER C 182 -7.98 8.05 -11.74
N CYS C 183 -8.60 8.44 -12.84
CA CYS C 183 -8.44 7.72 -14.10
C CYS C 183 -7.65 8.62 -15.05
N LEU C 184 -7.07 8.03 -16.07
CA LEU C 184 -6.52 8.79 -17.19
C LEU C 184 -5.36 9.71 -16.80
N TYR C 185 -4.51 9.26 -15.89
CA TYR C 185 -3.26 9.97 -15.59
C TYR C 185 -3.47 11.43 -15.16
N PRO C 186 -4.21 11.62 -14.05
CA PRO C 186 -4.56 12.95 -13.56
C PRO C 186 -3.31 13.79 -13.30
N GLN C 187 -2.20 13.14 -12.98
CA GLN C 187 -0.99 13.86 -12.63
C GLN C 187 -0.14 14.26 -13.84
N ALA C 188 -0.61 13.93 -15.04
CA ALA C 188 0.16 14.19 -16.27
C ALA C 188 0.17 15.65 -16.71
N ASP C 189 1.30 16.32 -16.45
CA ASP C 189 1.62 17.66 -16.92
C ASP C 189 1.47 17.78 -18.42
N ASP C 190 1.62 19.00 -18.94
CA ASP C 190 1.88 19.15 -20.37
C ASP C 190 3.31 18.73 -20.68
N VAL C 191 4.19 18.93 -19.70
CA VAL C 191 5.55 18.43 -19.77
C VAL C 191 5.52 16.89 -19.81
N VAL C 192 4.90 16.29 -18.81
CA VAL C 192 4.74 14.86 -18.77
C VAL C 192 4.17 14.33 -20.09
N CYS C 193 3.11 14.98 -20.58
CA CYS C 193 2.47 14.61 -21.83
C CYS C 193 3.45 14.56 -23.00
N GLN C 194 4.26 15.61 -23.11
CA GLN C 194 5.30 15.64 -24.12
C GLN C 194 6.29 14.48 -23.92
N LYS C 195 6.66 14.25 -22.65
CA LYS C 195 7.64 13.23 -22.33
C LYS C 195 7.16 11.85 -22.81
N VAL C 196 5.89 11.54 -22.56
CA VAL C 196 5.32 10.25 -22.89
C VAL C 196 5.12 10.04 -24.40
N LEU C 197 4.74 11.10 -25.10
CA LEU C 197 4.65 11.03 -26.56
C LEU C 197 6.02 10.97 -27.21
N SER C 198 7.06 11.44 -26.52
CA SER C 198 8.41 11.47 -27.09
C SER C 198 9.25 10.24 -26.77
N ASN C 199 8.91 9.53 -25.70
CA ASN C 199 9.75 8.44 -25.20
C ASN C 199 9.00 7.11 -25.05
N ILE C 200 9.36 6.12 -25.87
CA ILE C 200 8.59 4.86 -25.89
C ILE C 200 8.61 4.11 -24.56
N ASP C 201 9.75 4.10 -23.86
CA ASP C 201 9.80 3.42 -22.57
C ASP C 201 8.76 4.03 -21.63
N GLU C 202 8.73 5.36 -21.60
CA GLU C 202 7.81 6.09 -20.75
C GLU C 202 6.33 5.78 -21.06
N LEU C 203 6.02 5.63 -22.34
CA LEU C 203 4.70 5.26 -22.78
C LEU C 203 4.32 3.86 -22.28
N ASN C 204 5.12 2.86 -22.64
CA ASN C 204 4.86 1.48 -22.24
C ASN C 204 4.76 1.28 -20.74
N ALA C 205 5.49 2.11 -20.01
CA ALA C 205 5.48 2.09 -18.56
C ALA C 205 4.08 2.40 -18.02
N ARG C 206 3.37 3.31 -18.68
CA ARG C 206 2.04 3.72 -18.26
C ARG C 206 1.00 2.72 -18.70
N ILE C 207 1.48 1.66 -19.36
CA ILE C 207 0.63 0.55 -19.75
C ILE C 207 0.87 -0.64 -18.85
N TYR C 208 2.11 -1.12 -18.82
CA TYR C 208 2.41 -2.39 -18.18
C TYR C 208 2.63 -2.32 -16.66
N ASN C 209 3.34 -1.29 -16.21
CA ASN C 209 3.75 -1.20 -14.81
C ASN C 209 2.83 -0.37 -13.93
N PHE C 210 2.13 0.58 -14.53
CA PHE C 210 1.24 1.47 -13.80
C PHE C 210 0.47 2.33 -14.78
N PRO C 211 -0.68 2.86 -14.35
CA PRO C 211 -1.28 2.65 -13.04
C PRO C 211 -1.70 1.20 -12.81
N GLN C 212 -1.80 0.86 -11.52
CA GLN C 212 -2.28 -0.42 -11.08
C GLN C 212 -3.56 -0.25 -10.26
N SER C 213 -4.40 -1.28 -10.25
CA SER C 213 -5.63 -1.23 -9.46
C SER C 213 -5.34 -1.19 -7.96
N ILE C 214 -6.26 -0.59 -7.20
CA ILE C 214 -6.11 -0.53 -5.76
C ILE C 214 -6.45 -1.89 -5.14
N LEU C 215 -7.06 -2.76 -5.92
CA LEU C 215 -7.39 -4.10 -5.43
C LEU C 215 -6.14 -4.95 -5.21
N LYS C 216 -6.14 -5.74 -4.13
CA LYS C 216 -4.95 -6.48 -3.74
C LYS C 216 -5.14 -7.97 -3.94
N ASP C 217 -4.10 -8.66 -4.40
CA ASP C 217 -4.13 -10.12 -4.45
C ASP C 217 -3.87 -10.63 -3.04
N ASP C 218 -3.70 -11.94 -2.89
CA ASP C 218 -3.60 -12.51 -1.55
C ASP C 218 -2.24 -12.31 -0.88
N ASN C 219 -1.27 -11.79 -1.63
CA ASN C 219 0.03 -11.41 -1.07
C ASN C 219 0.12 -9.93 -0.71
N ASP C 220 -1.04 -9.28 -0.58
CA ASP C 220 -1.10 -7.84 -0.28
C ASP C 220 -0.50 -7.01 -1.41
N LYS C 221 -0.54 -7.57 -2.62
CA LYS C 221 0.09 -6.98 -3.78
C LYS C 221 -0.98 -6.39 -4.69
N LYS C 222 -0.82 -5.12 -5.04
CA LYS C 222 -1.73 -4.51 -6.00
C LYS C 222 -1.88 -5.37 -7.25
N ILE C 223 -3.11 -5.44 -7.74
CA ILE C 223 -3.39 -6.17 -8.95
C ILE C 223 -3.02 -5.32 -10.14
N ASN C 224 -2.07 -5.82 -10.91
CA ASN C 224 -1.63 -5.19 -12.14
C ASN C 224 -2.64 -5.54 -13.22
N TYR C 225 -3.17 -4.52 -13.90
CA TYR C 225 -4.16 -4.70 -14.95
C TYR C 225 -3.78 -5.71 -16.03
N TYR C 226 -2.65 -5.50 -16.71
CA TYR C 226 -2.20 -6.44 -17.74
C TYR C 226 -2.04 -7.89 -17.22
N ASP C 227 -1.34 -8.05 -16.11
CA ASP C 227 -1.08 -9.37 -15.55
C ASP C 227 -2.37 -10.06 -15.13
N PHE C 228 -3.16 -9.40 -14.30
CA PHE C 228 -4.39 -9.99 -13.81
C PHE C 228 -5.32 -10.42 -14.93
N LEU C 229 -5.67 -9.48 -15.80
CA LEU C 229 -6.79 -9.75 -16.70
C LEU C 229 -6.42 -10.45 -18.03
N THR C 230 -5.11 -10.63 -18.26
CA THR C 230 -4.66 -11.60 -19.27
C THR C 230 -4.40 -12.99 -18.67
N GLN C 231 -4.36 -13.09 -17.35
CA GLN C 231 -4.02 -14.35 -16.68
C GLN C 231 -5.15 -14.95 -15.82
N THR C 232 -6.11 -14.12 -15.44
CA THR C 232 -7.23 -14.58 -14.62
C THR C 232 -8.05 -15.69 -15.28
N ASN C 233 -8.52 -16.63 -14.45
CA ASN C 233 -9.49 -17.64 -14.89
C ASN C 233 -10.86 -17.38 -14.30
N ASN C 234 -11.03 -16.20 -13.73
CA ASN C 234 -12.32 -15.77 -13.20
C ASN C 234 -13.31 -15.54 -14.32
N LYS C 235 -14.38 -16.33 -14.32
CA LYS C 235 -15.38 -16.33 -15.39
C LYS C 235 -16.13 -15.01 -15.41
N ASP C 236 -16.59 -14.58 -14.24
CA ASP C 236 -17.34 -13.34 -14.10
C ASP C 236 -16.62 -12.18 -14.76
N CYS C 237 -15.33 -12.06 -14.47
CA CYS C 237 -14.48 -11.03 -15.03
C CYS C 237 -14.37 -11.15 -16.54
N LEU C 238 -14.01 -12.35 -17.02
CA LEU C 238 -13.90 -12.62 -18.46
C LEU C 238 -15.26 -12.43 -19.12
N ASP C 239 -16.29 -12.89 -18.44
CA ASP C 239 -17.66 -12.60 -18.87
C ASP C 239 -17.82 -11.11 -19.09
N ALA C 240 -17.53 -10.34 -18.05
CA ALA C 240 -17.69 -8.89 -18.11
C ALA C 240 -16.93 -8.38 -19.31
N LEU C 241 -15.71 -8.87 -19.49
CA LEU C 241 -14.89 -8.45 -20.62
C LEU C 241 -15.63 -8.65 -21.94
N LEU C 242 -16.29 -9.80 -22.07
CA LEU C 242 -17.03 -10.13 -23.27
C LEU C 242 -18.23 -9.21 -23.51
N ARG C 243 -18.97 -8.87 -22.46
CA ARG C 243 -20.06 -7.89 -22.57
C ARG C 243 -19.57 -6.53 -23.09
N ILE C 244 -18.69 -5.91 -22.32
CA ILE C 244 -18.24 -4.56 -22.61
C ILE C 244 -17.55 -4.45 -23.97
N TYR C 245 -16.67 -5.40 -24.27
CA TYR C 245 -15.83 -5.28 -25.47
C TYR C 245 -16.55 -4.79 -26.72
N PRO C 246 -17.69 -5.40 -27.06
CA PRO C 246 -18.34 -5.00 -28.32
C PRO C 246 -18.76 -3.55 -28.26
N ARG C 247 -18.96 -3.02 -27.04
CA ARG C 247 -19.48 -1.65 -26.83
C ARG C 247 -18.43 -0.54 -26.89
N ILE C 248 -17.19 -0.90 -27.18
CA ILE C 248 -16.09 0.07 -27.18
C ILE C 248 -15.91 0.71 -28.54
N ASP C 249 -16.44 1.93 -28.68
CA ASP C 249 -16.38 2.66 -29.93
C ASP C 249 -15.24 3.68 -29.81
N MET C 250 -14.10 3.32 -30.37
CA MET C 250 -12.91 4.16 -30.29
C MET C 250 -13.10 5.48 -31.04
N ASN C 251 -13.91 5.47 -32.09
CA ASN C 251 -14.20 6.72 -32.77
C ASN C 251 -14.95 7.66 -31.84
N LYS C 252 -15.88 7.09 -31.10
CA LYS C 252 -16.69 7.82 -30.15
C LYS C 252 -15.86 8.33 -28.97
N ILE C 253 -14.91 7.53 -28.50
CA ILE C 253 -14.04 7.91 -27.39
C ILE C 253 -13.07 9.01 -27.79
N HIS C 254 -12.54 8.91 -29.00
CA HIS C 254 -11.73 9.99 -29.53
C HIS C 254 -12.50 11.30 -29.72
N SER C 255 -13.79 11.18 -30.01
CA SER C 255 -14.61 12.37 -30.25
C SER C 255 -14.88 13.09 -28.93
N ILE C 256 -15.16 12.29 -27.90
CA ILE C 256 -15.30 12.78 -26.53
C ILE C 256 -14.11 13.65 -26.12
N ILE C 257 -12.91 13.24 -26.52
CA ILE C 257 -11.68 13.94 -26.17
C ILE C 257 -11.52 15.23 -26.95
N ASP C 258 -11.68 15.14 -28.27
CA ASP C 258 -11.60 16.31 -29.14
C ASP C 258 -12.53 17.39 -28.66
N ASN C 259 -13.69 17.01 -28.16
CA ASN C 259 -14.69 17.97 -27.78
C ASN C 259 -14.63 18.46 -26.33
N THR C 260 -13.72 17.90 -25.53
CA THR C 260 -13.59 18.34 -24.14
C THR C 260 -13.16 19.81 -24.08
N PRO C 261 -13.90 20.64 -23.33
CA PRO C 261 -13.54 22.05 -23.12
C PRO C 261 -12.26 22.16 -22.32
N PHE C 262 -11.54 23.28 -22.52
CA PHE C 262 -10.37 23.70 -21.70
C PHE C 262 -9.09 22.89 -21.92
N MET C 263 -9.20 21.59 -22.13
CA MET C 263 -8.03 20.70 -22.24
C MET C 263 -7.05 21.21 -23.29
N SER C 264 -5.76 20.99 -23.07
CA SER C 264 -4.77 21.43 -24.02
C SER C 264 -4.79 20.48 -25.21
N GLU C 265 -4.24 20.90 -26.34
CA GLU C 265 -4.16 20.03 -27.52
C GLU C 265 -3.13 18.93 -27.30
N ILE C 266 -2.01 19.28 -26.67
CA ILE C 266 -1.01 18.27 -26.37
C ILE C 266 -1.62 17.25 -25.40
N HIS C 267 -2.48 17.73 -24.50
CA HIS C 267 -3.13 16.81 -23.58
C HIS C 267 -4.20 15.93 -24.25
N LYS C 268 -4.88 16.43 -25.27
CA LYS C 268 -5.85 15.58 -25.98
C LYS C 268 -5.11 14.51 -26.74
N GLU C 269 -3.97 14.92 -27.31
CA GLU C 269 -3.12 14.05 -28.10
C GLU C 269 -2.63 12.92 -27.21
N PHE C 270 -2.09 13.27 -26.05
CA PHE C 270 -1.72 12.32 -25.02
C PHE C 270 -2.83 11.29 -24.71
N LEU C 271 -4.04 11.77 -24.47
CA LEU C 271 -5.16 10.88 -24.17
C LEU C 271 -5.52 9.95 -25.34
N HIS C 272 -5.64 10.53 -26.53
CA HIS C 272 -5.82 9.72 -27.73
C HIS C 272 -4.81 8.59 -27.75
N THR C 273 -3.54 8.95 -27.72
CA THR C 273 -2.50 7.97 -27.81
C THR C 273 -2.58 6.92 -26.71
N MET C 274 -2.77 7.35 -25.46
CA MET C 274 -2.87 6.41 -24.33
C MET C 274 -4.12 5.49 -24.38
N LEU C 275 -5.27 6.04 -24.71
CA LEU C 275 -6.46 5.22 -24.81
C LEU C 275 -6.34 4.17 -25.92
N ASP C 276 -5.71 4.53 -27.03
CA ASP C 276 -5.45 3.54 -28.09
C ASP C 276 -4.52 2.43 -27.60
N GLU C 277 -3.47 2.80 -26.86
CA GLU C 277 -2.50 1.83 -26.33
C GLU C 277 -3.07 0.95 -25.23
N ARG C 278 -3.86 1.53 -24.32
CA ARG C 278 -4.52 0.70 -23.31
C ARG C 278 -5.48 -0.25 -24.02
N LYS C 279 -6.08 0.29 -25.08
CA LYS C 279 -6.95 -0.48 -25.97
C LYS C 279 -6.26 -1.74 -26.50
N SER C 280 -5.32 -1.59 -27.43
CA SER C 280 -4.72 -2.76 -28.07
C SER C 280 -3.85 -3.63 -27.17
N LYS C 281 -3.07 -3.00 -26.30
CA LYS C 281 -2.08 -3.72 -25.52
C LYS C 281 -2.64 -4.38 -24.26
N ILE C 282 -3.80 -3.94 -23.79
CA ILE C 282 -4.41 -4.59 -22.63
C ILE C 282 -5.77 -5.20 -22.93
N ILE C 283 -6.74 -4.36 -23.32
CA ILE C 283 -8.10 -4.81 -23.59
C ILE C 283 -8.19 -5.87 -24.69
N ASP C 284 -7.59 -5.61 -25.86
CA ASP C 284 -7.58 -6.57 -26.96
C ASP C 284 -6.96 -7.92 -26.57
N VAL C 285 -5.72 -7.87 -26.11
CA VAL C 285 -4.99 -9.07 -25.68
C VAL C 285 -5.79 -9.88 -24.67
N ALA C 286 -6.36 -9.24 -23.65
CA ALA C 286 -7.20 -9.96 -22.69
C ALA C 286 -8.52 -10.44 -23.31
N HIS C 287 -9.03 -9.73 -24.31
CA HIS C 287 -10.29 -10.08 -24.94
C HIS C 287 -10.12 -11.31 -25.84
N THR C 288 -9.12 -11.25 -26.71
CA THR C 288 -8.78 -12.34 -27.60
C THR C 288 -8.65 -13.66 -26.83
N ARG C 289 -7.88 -13.64 -25.75
CA ARG C 289 -7.82 -14.78 -24.85
C ARG C 289 -9.19 -15.20 -24.32
N ALA C 290 -10.01 -14.23 -23.92
CA ALA C 290 -11.33 -14.53 -23.36
C ALA C 290 -12.28 -15.10 -24.42
N ILE C 291 -12.04 -14.72 -25.68
CA ILE C 291 -12.84 -15.20 -26.80
C ILE C 291 -12.83 -16.71 -26.92
N GLU C 292 -11.63 -17.28 -26.84
CA GLU C 292 -11.44 -18.70 -27.11
C GLU C 292 -11.30 -19.54 -25.82
N LEU C 293 -12.28 -19.39 -24.94
CA LEU C 293 -12.43 -20.30 -23.82
C LEU C 293 -13.89 -20.72 -23.79
N SER C 294 -14.72 -19.90 -24.44
CA SER C 294 -16.16 -20.07 -24.48
C SER C 294 -16.62 -20.99 -25.61
N PRO D 2 -27.38 -10.14 34.14
CA PRO D 2 -26.41 -9.03 34.18
C PRO D 2 -25.61 -8.85 32.88
N THR D 3 -24.40 -9.42 32.80
CA THR D 3 -23.42 -9.18 31.71
C THR D 3 -23.93 -8.54 30.39
N ILE D 4 -24.87 -9.19 29.72
CA ILE D 4 -25.34 -8.81 28.37
C ILE D 4 -24.63 -9.60 27.26
N ASP D 5 -25.43 -10.11 26.32
CA ASP D 5 -24.93 -10.96 25.25
C ASP D 5 -25.72 -10.64 23.98
N PHE D 6 -25.08 -10.03 22.98
CA PHE D 6 -25.78 -9.63 21.76
C PHE D 6 -25.73 -10.73 20.69
N THR D 7 -25.06 -11.84 21.02
CA THR D 7 -24.78 -12.91 20.07
C THR D 7 -26.00 -13.38 19.29
N PHE D 8 -27.16 -13.35 19.91
CA PHE D 8 -28.39 -13.87 19.29
C PHE D 8 -29.44 -12.81 18.97
N CYS D 9 -29.06 -11.54 19.03
CA CYS D 9 -29.94 -10.45 18.60
C CYS D 9 -30.15 -10.51 17.09
N GLU D 10 -31.35 -10.14 16.64
CA GLU D 10 -31.66 -10.19 15.21
C GLU D 10 -30.82 -9.19 14.43
N ILE D 11 -30.23 -9.66 13.33
CA ILE D 11 -29.38 -8.78 12.54
C ILE D 11 -30.14 -8.10 11.41
N ASN D 12 -30.07 -6.79 11.37
CA ASN D 12 -30.59 -6.02 10.26
C ASN D 12 -29.53 -5.89 9.18
N PRO D 13 -29.69 -6.62 8.07
CA PRO D 13 -28.69 -6.67 7.00
C PRO D 13 -28.91 -5.59 5.96
N LYS D 14 -29.75 -4.61 6.27
CA LYS D 14 -30.01 -3.50 5.35
C LYS D 14 -29.38 -2.20 5.86
N LYS D 15 -28.47 -2.32 6.81
CA LYS D 15 -27.78 -1.16 7.39
C LYS D 15 -26.27 -1.38 7.53
N GLY D 16 -25.49 -0.45 7.01
CA GLY D 16 -24.04 -0.48 7.14
C GLY D 16 -23.51 0.73 7.90
N PHE D 17 -22.20 0.77 8.10
CA PHE D 17 -21.60 1.90 8.80
C PHE D 17 -20.22 2.18 8.26
N GLY D 18 -19.84 3.45 8.23
CA GLY D 18 -18.50 3.81 7.78
C GLY D 18 -17.44 3.63 8.86
N GLY D 19 -16.33 4.36 8.74
CA GLY D 19 -15.29 4.33 9.75
C GLY D 19 -14.26 3.29 9.41
N ALA D 20 -13.00 3.55 9.80
CA ALA D 20 -11.89 2.69 9.41
C ALA D 20 -11.45 1.75 10.52
N ASN D 21 -11.78 2.09 11.76
CA ASN D 21 -11.34 1.31 12.90
C ASN D 21 -12.39 0.29 13.31
N GLY D 22 -12.31 -0.91 12.72
CA GLY D 22 -13.16 -2.01 13.11
C GLY D 22 -14.37 -2.23 12.25
N ASN D 23 -14.97 -3.41 12.40
CA ASN D 23 -16.24 -3.70 11.76
C ASN D 23 -17.42 -3.22 12.63
N LYS D 24 -18.58 -3.07 12.00
CA LYS D 24 -19.79 -2.63 12.68
C LYS D 24 -20.98 -3.30 12.04
N ILE D 25 -21.89 -3.82 12.86
CA ILE D 25 -23.13 -4.37 12.32
C ILE D 25 -24.34 -3.72 12.98
N SER D 26 -25.47 -3.76 12.29
CA SER D 26 -26.71 -3.22 12.81
C SER D 26 -27.57 -4.34 13.35
N LEU D 27 -27.78 -4.37 14.65
CA LEU D 27 -28.59 -5.45 15.22
C LEU D 27 -29.72 -4.93 16.12
N PHE D 28 -30.74 -5.74 16.38
CA PHE D 28 -31.80 -5.33 17.28
C PHE D 28 -31.50 -5.69 18.73
N TYR D 29 -31.60 -4.72 19.62
CA TYR D 29 -31.57 -5.00 21.05
C TYR D 29 -32.78 -4.30 21.67
N ASN D 30 -33.43 -4.95 22.64
CA ASN D 30 -34.65 -4.42 23.27
C ASN D 30 -35.52 -3.62 22.30
N ASN D 31 -35.74 -4.17 21.12
CA ASN D 31 -36.67 -3.62 20.14
C ASN D 31 -36.15 -2.42 19.31
N GLU D 32 -34.87 -2.11 19.45
CA GLU D 32 -34.30 -0.95 18.74
C GLU D 32 -32.88 -1.15 18.16
N LEU D 33 -32.70 -0.68 16.93
CA LEU D 33 -31.42 -0.75 16.22
C LEU D 33 -30.22 -0.18 16.99
N TYR D 34 -29.14 -0.95 17.06
CA TYR D 34 -27.89 -0.49 17.59
C TYR D 34 -26.83 -0.62 16.50
N MET D 35 -25.77 0.14 16.63
CA MET D 35 -24.59 -0.06 15.81
C MET D 35 -23.62 -0.75 16.72
N VAL D 36 -23.23 -1.97 16.38
CA VAL D 36 -22.29 -2.70 17.22
C VAL D 36 -20.89 -2.64 16.63
N LYS D 37 -19.98 -2.01 17.37
CA LYS D 37 -18.61 -1.78 16.91
C LYS D 37 -17.69 -2.87 17.42
N PHE D 38 -17.05 -3.57 16.50
CA PHE D 38 -16.09 -4.60 16.85
C PHE D 38 -14.67 -4.06 16.96
N PRO D 39 -13.90 -4.55 17.93
CA PRO D 39 -12.46 -4.27 17.94
C PRO D 39 -11.80 -4.86 16.69
N PRO D 40 -10.80 -4.17 16.14
CA PRO D 40 -10.06 -4.73 15.01
C PRO D 40 -8.93 -5.58 15.55
N LYS D 41 -8.80 -6.81 15.06
CA LYS D 41 -7.89 -7.78 15.67
C LYS D 41 -6.45 -7.64 15.16
N PRO D 42 -5.48 -7.58 16.09
CA PRO D 42 -4.07 -7.39 15.75
C PRO D 42 -3.45 -8.66 15.19
N TYR D 50 -5.78 -3.84 22.92
CA TYR D 50 -6.41 -3.24 21.74
C TYR D 50 -7.90 -3.02 21.96
N THR D 51 -8.58 -4.08 22.41
CA THR D 51 -10.01 -3.99 22.69
C THR D 51 -10.26 -3.23 23.99
N ASN D 52 -9.64 -2.06 24.09
CA ASN D 52 -9.98 -1.12 25.15
C ASN D 52 -10.77 0.00 24.49
N GLY D 53 -10.69 0.06 23.16
CA GLY D 53 -11.36 1.08 22.40
C GLY D 53 -12.78 1.26 22.87
N CYS D 54 -13.50 0.15 22.97
CA CYS D 54 -14.93 0.18 23.32
C CYS D 54 -15.22 0.61 24.77
N PHE D 55 -14.40 0.17 25.72
CA PHE D 55 -14.55 0.62 27.10
C PHE D 55 -14.53 2.14 27.13
N SER D 56 -13.56 2.72 26.46
CA SER D 56 -13.48 4.17 26.37
C SER D 56 -14.75 4.78 25.75
N GLU D 57 -15.32 4.08 24.78
CA GLU D 57 -16.53 4.55 24.12
C GLU D 57 -17.69 4.58 25.11
N TYR D 58 -17.90 3.45 25.79
CA TYR D 58 -18.95 3.36 26.79
C TYR D 58 -18.78 4.41 27.91
N VAL D 59 -17.67 4.35 28.63
CA VAL D 59 -17.47 5.26 29.77
C VAL D 59 -17.60 6.74 29.41
N ALA D 60 -16.85 7.15 28.38
CA ALA D 60 -16.83 8.53 27.95
C ALA D 60 -18.23 9.01 27.50
N CYS D 61 -18.92 8.19 26.71
CA CYS D 61 -20.25 8.57 26.26
C CYS D 61 -21.22 8.76 27.43
N HIS D 62 -21.04 7.96 28.48
CA HIS D 62 -21.91 8.02 29.66
C HIS D 62 -21.62 9.24 30.52
N ILE D 63 -20.33 9.56 30.62
CA ILE D 63 -19.86 10.75 31.30
C ILE D 63 -20.35 11.99 30.58
N VAL D 64 -20.09 12.07 29.28
CA VAL D 64 -20.65 13.17 28.48
C VAL D 64 -22.13 13.31 28.78
N ASN D 65 -22.77 12.20 29.07
CA ASN D 65 -24.19 12.16 29.38
C ASN D 65 -24.52 12.86 30.69
N SER D 66 -23.82 12.51 31.75
CA SER D 66 -24.00 13.19 33.04
C SER D 66 -23.86 14.71 32.89
N LEU D 67 -22.89 15.16 32.11
CA LEU D 67 -22.65 16.59 31.91
C LEU D 67 -23.85 17.25 31.26
N GLY D 68 -24.84 16.44 30.90
CA GLY D 68 -26.10 16.97 30.40
C GLY D 68 -26.09 17.19 28.90
N LEU D 69 -25.06 16.68 28.26
CA LEU D 69 -24.94 16.83 26.80
C LEU D 69 -25.61 15.67 26.06
N LYS D 70 -26.22 15.99 24.92
CA LYS D 70 -26.80 14.97 24.08
C LYS D 70 -25.67 14.09 23.60
N VAL D 71 -25.77 12.80 23.92
CA VAL D 71 -24.76 11.82 23.51
C VAL D 71 -25.42 10.47 23.29
N GLN D 72 -24.86 9.69 22.38
CA GLN D 72 -25.34 8.37 22.00
C GLN D 72 -25.38 7.41 23.21
N GLU D 73 -26.43 6.59 23.25
CA GLU D 73 -26.55 5.56 24.28
C GLU D 73 -25.62 4.40 23.94
N THR D 74 -24.71 4.09 24.85
CA THR D 74 -23.80 2.99 24.65
C THR D 74 -24.10 1.88 25.64
N LEU D 75 -23.88 0.64 25.17
CA LEU D 75 -23.95 -0.54 26.01
C LEU D 75 -22.72 -1.40 25.74
N LEU D 76 -22.17 -1.96 26.80
CA LEU D 76 -21.16 -2.98 26.68
C LEU D 76 -21.82 -4.37 26.66
N GLY D 77 -21.07 -5.38 26.22
CA GLY D 77 -21.63 -6.71 26.07
C GLY D 77 -20.74 -7.56 25.19
N THR D 78 -21.21 -8.77 24.87
CA THR D 78 -20.45 -9.65 24.01
C THR D 78 -21.21 -9.98 22.74
N TYR D 79 -20.45 -10.19 21.67
CA TYR D 79 -20.98 -10.74 20.44
C TYR D 79 -20.02 -11.81 19.93
N LYS D 80 -20.59 -12.98 19.61
CA LYS D 80 -19.81 -14.16 19.22
C LYS D 80 -18.43 -14.22 19.90
N ASN D 81 -18.41 -13.99 21.22
CA ASN D 81 -17.20 -14.13 22.04
C ASN D 81 -16.27 -12.92 22.06
N LYS D 82 -16.58 -11.92 21.27
CA LYS D 82 -15.83 -10.67 21.29
C LYS D 82 -16.53 -9.70 22.23
N ILE D 83 -15.75 -8.78 22.80
CA ILE D 83 -16.31 -7.66 23.57
C ILE D 83 -16.54 -6.45 22.66
N VAL D 84 -17.80 -6.10 22.45
CA VAL D 84 -18.15 -4.97 21.60
C VAL D 84 -18.79 -3.88 22.44
N VAL D 85 -19.02 -2.72 21.83
CA VAL D 85 -19.85 -1.66 22.42
C VAL D 85 -20.98 -1.34 21.47
N ALA D 86 -22.20 -1.29 21.99
CA ALA D 86 -23.36 -1.05 21.14
C ALA D 86 -23.87 0.35 21.34
N CYS D 87 -24.03 1.06 20.24
CA CYS D 87 -24.41 2.46 20.27
C CYS D 87 -25.74 2.56 19.61
N LYS D 88 -26.73 3.06 20.34
CA LYS D 88 -28.08 3.18 19.79
C LYS D 88 -28.06 4.02 18.52
N ASP D 89 -28.35 3.36 17.42
CA ASP D 89 -28.41 3.98 16.11
C ASP D 89 -29.33 5.19 16.19
N PHE D 90 -28.80 6.38 15.85
CA PHE D 90 -29.62 7.59 15.77
C PHE D 90 -29.97 8.02 14.33
N THR D 91 -29.64 7.17 13.36
CA THR D 91 -29.93 7.44 11.94
C THR D 91 -30.99 6.50 11.34
N THR D 92 -32.14 6.45 11.97
CA THR D 92 -33.34 5.91 11.35
C THR D 92 -34.47 6.79 11.86
N HIS D 93 -35.72 6.45 11.57
CA HIS D 93 -36.86 7.26 11.99
C HIS D 93 -37.45 8.20 10.91
N GLN D 94 -36.76 8.48 9.79
CA GLN D 94 -35.43 7.98 9.43
C GLN D 94 -34.52 9.13 9.02
N TYR D 95 -33.41 9.26 9.73
CA TYR D 95 -32.49 10.36 9.52
C TYR D 95 -31.27 9.97 8.68
N GLU D 96 -30.47 10.95 8.33
CA GLU D 96 -29.20 10.74 7.67
C GLU D 96 -28.09 11.53 8.37
N LEU D 97 -26.92 10.94 8.54
CA LEU D 97 -25.86 11.63 9.27
C LEU D 97 -24.88 12.32 8.34
N VAL D 98 -24.88 13.65 8.37
CA VAL D 98 -23.92 14.49 7.61
C VAL D 98 -22.89 15.03 8.58
N ASP D 99 -21.63 14.64 8.41
CA ASP D 99 -20.60 15.02 9.37
C ASP D 99 -20.04 16.42 9.11
N PHE D 100 -19.39 16.98 10.12
CA PHE D 100 -18.84 18.33 10.00
C PHE D 100 -17.85 18.42 8.86
N LEU D 101 -17.00 17.41 8.71
CA LEU D 101 -16.00 17.43 7.65
C LEU D 101 -16.65 17.78 6.31
N SER D 102 -17.85 17.25 6.08
CA SER D 102 -18.56 17.49 4.82
C SER D 102 -19.03 18.91 4.67
N LEU D 103 -19.51 19.48 5.77
CA LEU D 103 -19.87 20.88 5.83
C LEU D 103 -18.64 21.74 5.54
N LYS D 104 -17.57 21.49 6.29
CA LYS D 104 -16.37 22.34 6.17
C LYS D 104 -15.83 22.24 4.76
N ASN D 105 -16.15 21.15 4.08
CA ASN D 105 -15.73 20.98 2.70
C ASN D 105 -16.37 22.00 1.74
N THR D 106 -17.42 22.68 2.18
CA THR D 106 -18.02 23.74 1.37
C THR D 106 -17.40 25.14 1.53
N MET D 107 -16.55 25.32 2.56
CA MET D 107 -15.91 26.63 2.82
C MET D 107 -14.72 26.87 1.87
N ILE D 108 -15.02 26.96 0.58
CA ILE D 108 -14.02 27.01 -0.50
C ILE D 108 -13.06 28.20 -0.49
N GLU D 109 -13.48 29.33 0.07
CA GLU D 109 -12.63 30.52 0.12
C GLU D 109 -11.52 30.33 1.13
N LEU D 110 -11.71 29.37 2.04
CA LEU D 110 -10.70 29.09 3.05
C LEU D 110 -9.49 28.42 2.40
N GLU D 111 -9.65 28.09 1.13
CA GLU D 111 -8.72 27.20 0.42
C GLU D 111 -7.97 26.25 1.35
N LYS D 112 -8.72 25.50 2.16
CA LYS D 112 -8.14 24.46 3.00
C LYS D 112 -8.98 23.18 3.02
N SER D 113 -8.29 22.05 3.14
CA SER D 113 -8.94 20.75 3.12
C SER D 113 -9.98 20.58 4.24
N GLY D 114 -11.12 19.98 3.91
CA GLY D 114 -12.19 19.79 4.87
C GLY D 114 -11.72 19.00 6.07
N LYS D 115 -10.71 18.16 5.84
CA LYS D 115 -10.17 17.26 6.84
C LYS D 115 -9.42 18.04 7.91
N ASP D 116 -8.92 19.20 7.51
CA ASP D 116 -8.01 19.97 8.35
C ASP D 116 -8.70 20.51 9.61
N THR D 117 -8.06 20.31 10.74
CA THR D 117 -8.66 20.64 12.02
C THR D 117 -8.06 21.91 12.65
N ASN D 118 -7.65 22.85 11.82
CA ASN D 118 -7.30 24.20 12.31
C ASN D 118 -8.48 24.84 13.02
N LEU D 119 -8.26 25.28 14.27
CA LEU D 119 -9.34 25.78 15.10
C LEU D 119 -10.02 27.01 14.54
N ASN D 120 -9.24 27.97 14.04
CA ASN D 120 -9.82 29.19 13.52
C ASN D 120 -10.65 28.96 12.26
N ASP D 121 -10.23 28.02 11.43
CA ASP D 121 -11.00 27.64 10.24
C ASP D 121 -12.31 26.91 10.60
N VAL D 122 -12.24 26.07 11.62
CA VAL D 122 -13.41 25.39 12.16
C VAL D 122 -14.41 26.45 12.61
N LEU D 123 -13.93 27.34 13.47
CA LEU D 123 -14.76 28.39 14.04
C LEU D 123 -15.29 29.29 12.94
N TYR D 124 -14.52 29.46 11.88
CA TYR D 124 -14.99 30.19 10.72
C TYR D 124 -16.16 29.44 10.09
N ALA D 125 -15.93 28.16 9.81
CA ALA D 125 -16.93 27.34 9.14
C ALA D 125 -18.21 27.27 9.97
N ILE D 126 -18.05 27.16 11.28
CA ILE D 126 -19.18 27.20 12.20
C ILE D 126 -19.96 28.51 12.08
N ASP D 127 -19.25 29.59 11.82
CA ASP D 127 -19.88 30.91 11.69
C ASP D 127 -20.56 31.08 10.34
N ASN D 128 -19.93 30.60 9.26
CA ASN D 128 -20.45 30.80 7.91
C ASN D 128 -21.40 29.71 7.36
N GLN D 129 -21.72 28.70 8.17
CA GLN D 129 -22.57 27.59 7.70
C GLN D 129 -24.05 27.91 7.84
N HIS D 130 -24.89 27.11 7.19
CA HIS D 130 -26.32 27.39 7.10
C HIS D 130 -27.18 26.20 7.48
N PHE D 131 -26.59 25.20 8.13
CA PHE D 131 -27.31 24.01 8.56
C PHE D 131 -28.05 24.34 9.84
N ILE D 132 -27.37 25.08 10.70
CA ILE D 132 -27.79 25.34 12.06
C ILE D 132 -27.56 26.81 12.41
N GLU D 133 -28.33 27.34 13.35
CA GLU D 133 -28.08 28.65 13.92
C GLU D 133 -26.63 28.75 14.40
N PRO D 134 -25.81 29.56 13.72
CA PRO D 134 -24.38 29.66 14.02
C PRO D 134 -24.10 29.77 15.50
N LYS D 135 -24.91 30.53 16.23
CA LYS D 135 -24.74 30.68 17.69
C LYS D 135 -25.04 29.39 18.46
N VAL D 136 -25.99 28.61 17.96
CA VAL D 136 -26.34 27.34 18.57
C VAL D 136 -25.20 26.34 18.36
N LEU D 137 -24.69 26.31 17.13
CA LEU D 137 -23.54 25.48 16.76
C LEU D 137 -22.29 25.80 17.59
N LYS D 138 -22.02 27.09 17.73
CA LYS D 138 -20.81 27.51 18.43
C LYS D 138 -20.90 27.09 19.90
N CYS D 139 -22.07 27.24 20.51
CA CYS D 139 -22.29 26.85 21.89
C CYS D 139 -22.04 25.37 22.07
N PHE D 140 -22.72 24.57 21.26
CA PHE D 140 -22.50 23.13 21.24
C PHE D 140 -21.03 22.77 21.09
N PHE D 141 -20.34 23.42 20.16
CA PHE D 141 -18.96 23.05 19.87
C PHE D 141 -18.05 23.29 21.05
N TRP D 142 -18.26 24.39 21.75
CA TRP D 142 -17.43 24.69 22.90
C TRP D 142 -17.83 23.85 24.10
N ASP D 143 -19.11 23.50 24.17
CA ASP D 143 -19.58 22.57 25.20
C ASP D 143 -18.84 21.26 25.03
N MET D 144 -18.71 20.82 23.78
CA MET D 144 -18.09 19.54 23.48
C MET D 144 -16.61 19.57 23.80
N PHE D 145 -15.98 20.71 23.49
CA PHE D 145 -14.58 20.88 23.78
C PHE D 145 -14.31 20.70 25.28
N VAL D 146 -15.09 21.37 26.13
CA VAL D 146 -14.91 21.22 27.57
C VAL D 146 -15.01 19.75 28.00
N ALA D 147 -15.98 19.04 27.44
CA ALA D 147 -16.14 17.64 27.74
C ALA D 147 -14.90 16.86 27.29
N ASP D 148 -14.45 17.08 26.06
CA ASP D 148 -13.24 16.41 25.58
C ASP D 148 -12.03 16.75 26.45
N THR D 149 -12.05 17.94 27.04
CA THR D 149 -10.98 18.31 27.94
C THR D 149 -10.98 17.34 29.11
N LEU D 150 -12.11 17.26 29.81
CA LEU D 150 -12.26 16.35 30.95
C LEU D 150 -11.97 14.91 30.59
N LEU D 151 -12.17 14.57 29.32
CA LEU D 151 -12.09 13.18 28.90
C LEU D 151 -10.73 12.79 28.33
N GLY D 152 -10.04 13.73 27.72
CA GLY D 152 -8.77 13.45 27.07
C GLY D 152 -8.97 12.91 25.66
N ASN D 153 -9.97 13.45 24.95
CA ASN D 153 -10.20 13.08 23.56
C ASN D 153 -9.09 13.64 22.68
N PHE D 154 -8.35 12.75 22.05
CA PHE D 154 -7.22 13.18 21.22
C PHE D 154 -7.57 13.18 19.73
N ASP D 155 -8.84 12.96 19.43
CA ASP D 155 -9.25 12.80 18.04
C ASP D 155 -10.68 13.27 17.74
N ARG D 156 -11.06 14.45 18.22
CA ARG D 156 -12.34 15.03 17.88
C ARG D 156 -12.23 15.65 16.49
N HIS D 157 -11.84 14.86 15.50
CA HIS D 157 -11.66 15.38 14.15
C HIS D 157 -13.01 15.69 13.54
N ASN D 158 -12.98 16.30 12.35
CA ASN D 158 -14.18 16.82 11.70
C ASN D 158 -15.21 15.75 11.32
N GLY D 159 -14.70 14.54 11.09
CA GLY D 159 -15.55 13.42 10.76
C GLY D 159 -16.16 12.79 12.00
N ASN D 160 -15.89 13.37 13.18
CA ASN D 160 -16.39 12.85 14.44
C ASN D 160 -17.42 13.70 15.18
N TRP D 161 -18.06 14.62 14.48
CA TRP D 161 -19.27 15.25 14.99
C TRP D 161 -20.04 15.78 13.80
N GLY D 162 -21.30 16.15 14.01
CA GLY D 162 -22.09 16.51 12.84
C GLY D 162 -23.55 16.78 13.08
N PHE D 163 -24.31 16.66 12.00
CA PHE D 163 -25.72 17.03 11.99
C PHE D 163 -26.59 15.88 11.49
N LEU D 164 -27.82 15.83 11.99
CA LEU D 164 -28.83 14.93 11.45
C LEU D 164 -29.77 15.71 10.54
N ARG D 165 -29.96 15.19 9.33
CA ARG D 165 -30.93 15.75 8.41
C ARG D 165 -32.04 14.73 8.20
N ALA D 166 -33.29 15.13 8.39
CA ALA D 166 -34.40 14.22 8.10
C ALA D 166 -34.61 14.16 6.58
N SER D 167 -34.79 12.97 6.02
CA SER D 167 -35.06 12.88 4.59
C SER D 167 -36.43 13.48 4.35
N ASN D 168 -36.54 14.23 3.25
CA ASN D 168 -37.69 15.12 2.97
C ASN D 168 -37.39 16.56 3.41
N SER D 169 -36.59 16.69 4.46
CA SER D 169 -36.27 17.99 5.02
C SER D 169 -34.86 18.46 4.67
N LYS D 170 -34.76 19.74 4.34
CA LYS D 170 -33.45 20.35 4.16
C LYS D 170 -32.99 20.93 5.49
N GLU D 171 -33.68 20.59 6.59
CA GLU D 171 -33.29 21.13 7.90
C GLU D 171 -32.63 20.15 8.85
N TYR D 172 -31.58 20.65 9.48
CA TYR D 172 -30.70 19.86 10.29
C TYR D 172 -30.87 20.16 11.76
N GLN D 173 -30.56 19.18 12.60
CA GLN D 173 -30.31 19.42 14.00
C GLN D 173 -28.93 18.84 14.27
N ILE D 174 -28.38 19.04 15.46
CA ILE D 174 -27.04 18.55 15.69
C ILE D 174 -27.10 17.09 16.10
N ALA D 175 -26.18 16.29 15.57
CA ALA D 175 -26.08 14.89 15.90
C ALA D 175 -25.78 14.75 17.38
N PRO D 176 -26.26 13.67 18.00
CA PRO D 176 -25.76 13.43 19.35
C PRO D 176 -24.25 13.27 19.27
N ILE D 177 -23.55 13.65 20.32
CA ILE D 177 -22.12 13.37 20.36
C ILE D 177 -21.94 11.87 20.18
N PHE D 178 -20.91 11.48 19.43
CA PHE D 178 -20.56 10.07 19.23
C PHE D 178 -19.04 9.89 19.10
N ASP D 179 -18.62 8.74 18.57
CA ASP D 179 -17.21 8.37 18.47
C ASP D 179 -16.31 8.98 19.55
N CYS D 180 -16.58 8.62 20.81
CA CYS D 180 -15.75 9.05 21.92
C CYS D 180 -14.74 7.97 22.27
N GLY D 181 -14.55 7.05 21.34
CA GLY D 181 -13.61 5.96 21.54
C GLY D 181 -12.18 6.40 21.73
N SER D 182 -11.84 7.60 21.29
CA SER D 182 -10.46 8.03 21.46
C SER D 182 -10.26 8.76 22.78
N CYS D 183 -11.17 8.53 23.72
CA CYS D 183 -11.09 9.17 25.04
C CYS D 183 -10.44 8.26 26.09
N LEU D 184 -10.20 8.82 27.27
CA LEU D 184 -9.73 8.06 28.44
C LEU D 184 -8.57 7.10 28.21
N TYR D 185 -7.50 7.60 27.59
CA TYR D 185 -6.29 6.81 27.37
C TYR D 185 -6.64 5.38 26.97
N PRO D 186 -7.11 5.20 25.73
CA PRO D 186 -7.54 3.89 25.22
C PRO D 186 -6.35 2.97 24.95
N GLN D 187 -5.16 3.56 24.93
CA GLN D 187 -3.93 2.80 24.66
C GLN D 187 -3.33 2.24 25.96
N ALA D 188 -3.90 2.64 27.09
CA ALA D 188 -3.41 2.24 28.40
C ALA D 188 -3.30 0.72 28.55
N ASP D 189 -2.19 0.28 29.13
CA ASP D 189 -1.99 -1.12 29.51
C ASP D 189 -2.36 -1.28 30.98
N ASP D 190 -2.64 -2.52 31.38
CA ASP D 190 -2.74 -2.82 32.79
C ASP D 190 -1.38 -2.54 33.43
N VAL D 191 -0.32 -2.73 32.65
CA VAL D 191 1.02 -2.32 33.06
C VAL D 191 1.05 -0.82 33.25
N VAL D 192 0.79 -0.10 32.16
CA VAL D 192 0.83 1.36 32.14
C VAL D 192 -0.08 1.98 33.21
N CYS D 193 -1.21 1.32 33.50
CA CYS D 193 -2.10 1.78 34.56
C CYS D 193 -1.37 1.91 35.89
N GLN D 194 -0.64 0.85 36.23
CA GLN D 194 0.17 0.86 37.44
C GLN D 194 1.44 1.66 37.20
N LYS D 195 1.88 1.68 35.95
CA LYS D 195 3.08 2.40 35.58
C LYS D 195 2.87 3.91 35.62
N VAL D 196 1.62 4.34 35.81
CA VAL D 196 1.32 5.76 35.88
C VAL D 196 1.30 6.24 37.33
N LEU D 197 0.79 5.39 38.22
CA LEU D 197 0.56 5.74 39.62
C LEU D 197 1.84 5.66 40.45
N SER D 198 2.86 5.01 39.88
CA SER D 198 4.12 4.77 40.59
C SER D 198 5.09 5.95 40.52
N ASN D 199 4.91 6.82 39.53
CA ASN D 199 5.73 8.03 39.37
C ASN D 199 4.93 9.21 38.84
N ILE D 200 4.73 10.21 39.69
CA ILE D 200 3.87 11.35 39.37
C ILE D 200 4.33 12.09 38.11
N ASP D 201 5.58 11.87 37.71
CA ASP D 201 6.10 12.48 36.48
C ASP D 201 5.29 11.96 35.29
N GLU D 202 4.99 10.67 35.31
CA GLU D 202 4.15 10.06 34.30
C GLU D 202 2.74 10.68 34.32
N LEU D 203 2.12 10.70 35.50
CA LEU D 203 0.77 11.21 35.64
C LEU D 203 0.64 12.64 35.12
N ASN D 204 1.51 13.52 35.59
CA ASN D 204 1.47 14.93 35.14
C ASN D 204 1.59 15.05 33.62
N ALA D 205 2.40 14.19 33.02
CA ALA D 205 2.51 14.14 31.57
C ALA D 205 1.15 13.83 30.93
N ARG D 206 0.46 12.84 31.49
CA ARG D 206 -0.87 12.46 31.02
C ARG D 206 -1.88 13.59 31.24
N ILE D 207 -1.50 14.58 32.04
CA ILE D 207 -2.35 15.72 32.33
C ILE D 207 -1.93 16.96 31.54
N TYR D 208 -0.65 17.35 31.70
CA TYR D 208 -0.12 18.60 31.17
C TYR D 208 0.49 18.54 29.76
N ASN D 209 1.14 17.43 29.41
CA ASN D 209 1.83 17.30 28.11
C ASN D 209 0.96 16.70 27.01
N PHE D 210 0.23 15.64 27.35
CA PHE D 210 -0.67 14.99 26.42
C PHE D 210 -1.66 14.21 27.26
N PRO D 211 -2.78 13.76 26.66
CA PRO D 211 -3.24 13.95 25.28
C PRO D 211 -3.47 15.42 24.95
N GLN D 212 -3.37 15.76 23.67
CA GLN D 212 -3.68 17.12 23.23
C GLN D 212 -4.86 17.09 22.26
N SER D 213 -5.48 18.23 22.03
CA SER D 213 -6.61 18.28 21.12
C SER D 213 -6.13 18.15 19.67
N ILE D 214 -6.96 17.59 18.82
CA ILE D 214 -6.64 17.51 17.40
C ILE D 214 -6.80 18.86 16.75
N LEU D 215 -7.51 19.77 17.43
CA LEU D 215 -7.66 21.13 16.93
C LEU D 215 -6.32 21.83 17.00
N LYS D 216 -6.03 22.67 16.02
CA LYS D 216 -4.70 23.24 15.89
C LYS D 216 -4.74 24.76 15.93
N ASP D 217 -3.70 25.36 16.52
CA ASP D 217 -3.59 26.82 16.52
C ASP D 217 -3.06 27.30 15.18
N ASP D 218 -2.80 28.58 15.06
CA ASP D 218 -2.47 29.12 13.76
C ASP D 218 -1.00 28.93 13.35
N ASN D 219 -0.26 28.19 14.17
CA ASN D 219 1.09 27.76 13.81
C ASN D 219 1.13 26.28 13.43
N ASP D 220 -0.06 25.69 13.38
CA ASP D 220 -0.24 24.30 13.03
C ASP D 220 0.18 23.34 14.13
N LYS D 221 0.34 23.85 15.35
CA LYS D 221 0.59 22.91 16.43
C LYS D 221 -0.68 22.60 17.20
N LYS D 222 -0.79 21.36 17.65
CA LYS D 222 -1.97 20.92 18.39
C LYS D 222 -2.20 21.81 19.60
N ILE D 223 -3.48 22.11 19.84
CA ILE D 223 -3.91 22.86 21.02
C ILE D 223 -3.72 22.09 22.32
N ASN D 224 -2.96 22.67 23.26
CA ASN D 224 -2.75 22.05 24.56
C ASN D 224 -3.93 22.33 25.52
N TYR D 225 -4.53 21.26 26.04
CA TYR D 225 -5.72 21.42 26.87
C TYR D 225 -5.52 22.38 28.05
N TYR D 226 -4.56 22.08 28.92
CA TYR D 226 -4.31 22.95 30.06
C TYR D 226 -4.02 24.36 29.62
N ASP D 227 -3.05 24.50 28.72
CA ASP D 227 -2.63 25.82 28.32
C ASP D 227 -3.80 26.56 27.71
N PHE D 228 -4.59 25.85 26.91
CA PHE D 228 -5.64 26.54 26.17
C PHE D 228 -6.70 27.17 27.07
N LEU D 229 -7.39 26.36 27.86
CA LEU D 229 -8.50 26.91 28.61
C LEU D 229 -8.10 27.62 29.91
N THR D 230 -6.82 27.54 30.28
CA THR D 230 -6.35 28.39 31.38
C THR D 230 -5.77 29.70 30.87
N GLN D 231 -5.70 29.87 29.55
CA GLN D 231 -5.12 31.11 28.98
C GLN D 231 -5.99 31.77 27.90
N THR D 232 -7.02 31.07 27.45
CA THR D 232 -7.85 31.60 26.37
C THR D 232 -8.60 32.86 26.82
N ASN D 233 -8.79 33.79 25.88
CA ASN D 233 -9.69 34.93 26.09
C ASN D 233 -10.91 34.88 25.16
N ASN D 234 -11.07 33.77 24.46
CA ASN D 234 -12.24 33.50 23.65
C ASN D 234 -13.45 33.45 24.61
N LYS D 235 -14.36 34.41 24.48
CA LYS D 235 -15.49 34.47 25.41
C LYS D 235 -16.42 33.27 25.27
N ASP D 236 -16.63 32.82 24.04
CA ASP D 236 -17.51 31.67 23.79
C ASP D 236 -16.98 30.41 24.46
N CYS D 237 -15.66 30.22 24.46
CA CYS D 237 -15.09 29.05 25.12
C CYS D 237 -15.26 29.12 26.64
N LEU D 238 -15.10 30.33 27.18
CA LEU D 238 -15.22 30.54 28.61
C LEU D 238 -16.67 30.36 29.06
N ASP D 239 -17.60 30.85 28.25
CA ASP D 239 -19.02 30.65 28.55
C ASP D 239 -19.31 29.17 28.68
N ALA D 240 -18.64 28.36 27.86
CA ALA D 240 -18.84 26.92 27.86
C ALA D 240 -18.28 26.27 29.13
N LEU D 241 -17.11 26.70 29.58
CA LEU D 241 -16.55 26.12 30.81
C LEU D 241 -17.51 26.39 31.96
N LEU D 242 -18.23 27.51 31.85
CA LEU D 242 -19.16 27.97 32.89
C LEU D 242 -20.49 27.21 32.89
N ARG D 243 -21.10 27.06 31.71
CA ARG D 243 -22.27 26.19 31.55
C ARG D 243 -22.03 24.83 32.18
N ILE D 244 -21.00 24.16 31.68
CA ILE D 244 -20.80 22.74 31.92
C ILE D 244 -20.29 22.45 33.32
N TYR D 245 -19.47 23.33 33.85
CA TYR D 245 -18.81 23.09 35.13
C TYR D 245 -19.74 22.69 36.29
N PRO D 246 -20.91 23.34 36.41
CA PRO D 246 -21.89 22.99 37.46
C PRO D 246 -22.44 21.58 37.28
N ARG D 247 -22.58 21.13 36.02
CA ARG D 247 -23.13 19.82 35.74
C ARG D 247 -22.16 18.66 35.94
N ILE D 248 -20.95 18.96 36.40
CA ILE D 248 -19.93 17.93 36.60
C ILE D 248 -20.05 17.27 37.96
N ASP D 249 -20.66 16.08 38.00
CA ASP D 249 -20.84 15.37 39.25
C ASP D 249 -19.77 14.32 39.44
N MET D 250 -18.69 14.68 40.13
CA MET D 250 -17.56 13.75 40.30
C MET D 250 -17.94 12.45 41.01
N ASN D 251 -19.11 12.45 41.66
CA ASN D 251 -19.64 11.22 42.25
C ASN D 251 -20.27 10.33 41.19
N LYS D 252 -21.25 10.91 40.50
CA LYS D 252 -21.97 10.26 39.42
C LYS D 252 -20.98 9.61 38.46
N ILE D 253 -19.86 10.30 38.21
CA ILE D 253 -18.83 9.82 37.29
C ILE D 253 -18.04 8.61 37.80
N HIS D 254 -17.62 8.65 39.06
CA HIS D 254 -16.86 7.52 39.61
C HIS D 254 -17.75 6.30 39.64
N SER D 255 -19.05 6.51 39.83
CA SER D 255 -20.02 5.43 39.84
C SER D 255 -20.12 4.84 38.45
N ILE D 256 -20.31 5.71 37.47
CA ILE D 256 -20.29 5.32 36.06
C ILE D 256 -19.12 4.39 35.78
N ILE D 257 -17.95 4.73 36.30
CA ILE D 257 -16.78 3.85 36.15
C ILE D 257 -16.99 2.53 36.87
N ASP D 258 -17.46 2.61 38.11
CA ASP D 258 -17.67 1.42 38.93
C ASP D 258 -18.53 0.36 38.24
N ASN D 259 -19.65 0.80 37.68
CA ASN D 259 -20.60 -0.13 37.06
C ASN D 259 -20.25 -0.46 35.61
N THR D 260 -18.96 -0.56 35.31
CA THR D 260 -18.53 -0.84 33.94
C THR D 260 -18.13 -2.30 33.73
N PRO D 261 -18.99 -3.04 33.00
CA PRO D 261 -18.78 -4.45 32.73
C PRO D 261 -17.37 -4.78 32.24
N PHE D 262 -16.91 -5.98 32.56
CA PHE D 262 -15.73 -6.58 31.94
C PHE D 262 -14.41 -5.86 32.23
N MET D 263 -14.48 -4.56 32.56
CA MET D 263 -13.27 -3.79 32.77
C MET D 263 -12.54 -4.17 34.06
N SER D 264 -11.22 -4.38 33.95
CA SER D 264 -10.39 -4.77 35.09
C SER D 264 -10.57 -3.85 36.29
N GLU D 265 -9.83 -4.13 37.35
CA GLU D 265 -9.89 -3.27 38.55
C GLU D 265 -8.83 -2.16 38.49
N ILE D 266 -7.57 -2.56 38.36
CA ILE D 266 -6.50 -1.58 38.23
C ILE D 266 -6.87 -0.56 37.17
N HIS D 267 -7.66 -0.99 36.19
CA HIS D 267 -8.08 -0.09 35.13
C HIS D 267 -9.12 0.90 35.65
N LYS D 268 -10.16 0.41 36.32
CA LYS D 268 -11.14 1.29 36.93
C LYS D 268 -10.39 2.26 37.87
N GLU D 269 -9.51 1.69 38.67
CA GLU D 269 -8.67 2.46 39.57
C GLU D 269 -8.08 3.65 38.83
N PHE D 270 -7.32 3.33 37.78
CA PHE D 270 -6.67 4.33 36.93
C PHE D 270 -7.63 5.42 36.45
N LEU D 271 -8.78 5.01 35.95
CA LEU D 271 -9.75 5.99 35.46
C LEU D 271 -10.35 6.85 36.58
N HIS D 272 -10.54 6.25 37.75
CA HIS D 272 -10.99 7.01 38.91
C HIS D 272 -10.02 8.15 39.18
N THR D 273 -8.74 7.80 39.23
CA THR D 273 -7.69 8.78 39.43
C THR D 273 -7.79 9.85 38.37
N MET D 274 -7.40 9.50 37.15
CA MET D 274 -7.24 10.47 36.06
C MET D 274 -8.35 11.53 35.96
N LEU D 275 -9.57 11.18 36.37
CA LEU D 275 -10.67 12.12 36.32
C LEU D 275 -10.61 13.15 37.45
N ASP D 276 -10.21 12.71 38.64
CA ASP D 276 -9.87 13.63 39.70
C ASP D 276 -8.74 14.53 39.23
N GLU D 277 -7.63 13.94 38.81
CA GLU D 277 -6.50 14.72 38.31
C GLU D 277 -6.88 15.66 37.16
N ARG D 278 -7.74 15.21 36.25
CA ARG D 278 -8.17 16.09 35.17
C ARG D 278 -9.16 17.17 35.63
N LYS D 279 -10.09 16.80 36.51
CA LYS D 279 -11.03 17.78 37.08
C LYS D 279 -10.30 18.90 37.82
N SER D 280 -9.44 18.54 38.77
CA SER D 280 -8.80 19.55 39.61
C SER D 280 -7.75 20.37 38.85
N LYS D 281 -6.81 19.66 38.22
CA LYS D 281 -5.63 20.30 37.65
C LYS D 281 -5.87 21.03 36.33
N ILE D 282 -6.88 20.63 35.56
CA ILE D 282 -7.17 21.35 34.33
C ILE D 282 -8.51 22.09 34.35
N ILE D 283 -9.60 21.38 34.67
CA ILE D 283 -10.92 22.01 34.68
C ILE D 283 -11.10 23.00 35.82
N ASP D 284 -10.85 22.56 37.05
CA ASP D 284 -10.96 23.43 38.22
C ASP D 284 -10.24 24.75 38.00
N VAL D 285 -8.97 24.64 37.62
CA VAL D 285 -8.09 25.80 37.46
C VAL D 285 -8.68 26.83 36.50
N ALA D 286 -8.97 26.38 35.28
CA ALA D 286 -9.46 27.30 34.25
C ALA D 286 -10.83 27.90 34.58
N HIS D 287 -11.65 27.17 35.35
CA HIS D 287 -12.98 27.66 35.73
C HIS D 287 -12.92 28.76 36.79
N THR D 288 -12.09 28.57 37.80
CA THR D 288 -11.85 29.60 38.79
C THR D 288 -11.49 30.90 38.05
N ARG D 289 -10.56 30.80 37.11
CA ARG D 289 -10.16 31.94 36.30
C ARG D 289 -11.32 32.53 35.50
N ALA D 290 -12.21 31.66 35.02
CA ALA D 290 -13.34 32.09 34.20
C ALA D 290 -14.31 32.95 35.00
N ILE D 291 -14.35 32.72 36.31
CA ILE D 291 -15.07 33.60 37.21
C ILE D 291 -14.34 34.95 37.21
N GLU D 292 -13.13 34.94 37.74
CA GLU D 292 -12.32 36.15 37.91
C GLU D 292 -12.39 37.13 36.74
N LEU D 293 -12.51 36.62 35.51
CA LEU D 293 -12.55 37.52 34.35
C LEU D 293 -13.89 38.24 34.19
N SER D 294 -14.90 37.77 34.90
CA SER D 294 -16.21 38.43 34.90
C SER D 294 -16.16 39.76 35.66
N LEU D 295 -16.01 39.67 36.98
CA LEU D 295 -15.85 40.85 37.82
C LEU D 295 -14.85 41.83 37.22
N GLN D 296 -15.34 42.99 36.78
CA GLN D 296 -14.49 44.04 36.22
C GLN D 296 -13.18 44.22 36.99
MG MG E . 17.48 -1.56 -3.97
PB ADP F . 18.99 -0.61 -6.81
O1B ADP F . 18.67 0.80 -6.37
O2B ADP F . 19.22 -0.74 -8.29
O3B ADP F . 18.04 -1.62 -6.25
PA ADP F . 20.91 -0.89 -4.68
O1A ADP F . 21.64 0.40 -4.44
O2A ADP F . 19.72 -1.24 -3.83
O3A ADP F . 20.46 -0.95 -6.23
O5' ADP F . 21.95 -2.13 -4.63
C5' ADP F . 21.62 -3.37 -5.22
C4' ADP F . 21.99 -4.52 -4.30
O4' ADP F . 23.40 -4.53 -4.11
C3' ADP F . 21.41 -4.35 -2.91
O3' ADP F . 20.15 -5.00 -2.78
C2' ADP F . 22.43 -4.96 -1.98
O2' ADP F . 22.11 -6.34 -1.74
C1' ADP F . 23.73 -4.84 -2.74
N9 ADP F . 24.45 -3.66 -2.21
C8 ADP F . 23.93 -2.43 -2.18
N7 ADP F . 24.79 -1.55 -1.64
C5 ADP F . 25.92 -2.22 -1.33
C6 ADP F . 27.22 -1.86 -0.73
N6 ADP F . 27.49 -0.60 -0.37
N1 ADP F . 28.13 -2.85 -0.54
C2 ADP F . 27.85 -4.12 -0.91
N3 ADP F . 26.68 -4.50 -1.46
C4 ADP F . 25.69 -3.61 -1.69
MG MG G . 11.07 -16.21 -6.53
PB ADP H . 9.19 -16.90 -3.73
O1B ADP H . 8.41 -17.67 -4.75
O2B ADP H . 8.33 -16.38 -2.61
O3B ADP H . 10.12 -15.88 -4.33
PA ADP H . 11.36 -18.74 -3.66
O1A ADP H . 10.93 -20.18 -3.77
O2A ADP H . 11.83 -17.97 -4.88
O3A ADP H . 10.16 -17.92 -2.97
O5' ADP H . 12.45 -18.67 -2.49
C5' ADP H . 12.72 -17.40 -1.91
C4' ADP H . 14.22 -17.12 -1.83
O4' ADP H . 14.84 -17.99 -0.89
C3' ADP H . 14.92 -17.32 -3.16
O3' ADP H . 15.09 -16.10 -3.88
C2' ADP H . 16.29 -17.83 -2.76
O2' ADP H . 17.18 -16.71 -2.61
C1' ADP H . 16.06 -18.52 -1.43
N9 ADP H . 15.90 -20.00 -1.62
C8 ADP H . 14.94 -20.59 -2.37
N7 ADP H . 15.05 -21.93 -2.36
C5 ADP H . 16.11 -22.24 -1.58
C6 ADP H . 16.78 -23.48 -1.14
N6 ADP H . 16.32 -24.68 -1.54
N1 ADP H . 17.86 -23.38 -0.33
C2 ADP H . 18.32 -22.18 0.07
N3 ADP H . 17.76 -21.00 -0.28
C4 ADP H . 16.67 -20.97 -1.10
MG MG I . -13.72 9.38 -3.33
PB ADP J . -13.01 12.90 -3.86
O1B ADP J . -12.55 13.31 -5.25
O2B ADP J . -12.67 13.87 -2.76
O3B ADP J . -12.60 11.50 -3.50
PA ADP J . -15.71 12.19 -4.74
O1A ADP J . -15.55 12.56 -6.20
O2A ADP J . -15.67 10.74 -4.32
O3A ADP J . -14.62 12.99 -3.85
O5' ADP J . -17.04 12.84 -4.09
C5' ADP J . -17.00 13.07 -2.69
C4' ADP J . -18.18 12.39 -2.02
O4' ADP J . -19.42 12.93 -2.48
C3' ADP J . -18.25 10.91 -2.30
O3' ADP J . -17.73 10.21 -1.18
C2' ADP J . -19.72 10.60 -2.38
O2' ADP J . -20.16 10.41 -1.05
C1' ADP J . -20.35 11.88 -2.79
N9 ADP J . -20.57 11.98 -4.26
C8 ADP J . -19.68 11.77 -5.25
N7 ADP J . -20.25 11.99 -6.45
C5 ADP J . -21.53 12.37 -6.22
C6 ADP J . -22.69 12.79 -7.05
N6 ADP J . -22.61 12.85 -8.40
N1 ADP J . -23.82 13.11 -6.41
C2 ADP J . -23.92 13.07 -5.05
N3 ADP J . -22.91 12.71 -4.24
C4 ADP J . -21.72 12.37 -4.78
MG MG K . -15.12 8.13 13.23
PB ADP L . -14.76 4.47 13.93
O1B ADP L . -14.44 4.29 15.40
O2B ADP L . -14.42 3.29 13.06
O3B ADP L . -14.33 5.78 13.32
PA ADP L . -17.39 5.49 14.54
O1A ADP L . -17.52 5.15 16.00
O2A ADP L . -17.02 6.88 14.07
O3A ADP L . -16.37 4.45 13.84
O5' ADP L . -18.73 5.11 13.73
C5' ADP L . -18.53 4.76 12.37
C4' ADP L . -19.50 5.50 11.48
O4' ADP L . -20.81 5.17 11.89
C3' ADP L . -19.38 7.01 11.59
O3' ADP L . -18.69 7.51 10.44
C2' ADP L . -20.81 7.53 11.67
O2' ADP L . -21.29 7.90 10.38
C1' ADP L . -21.63 6.33 12.04
N9 ADP L . -22.02 6.33 13.46
C8 ADP L . -21.19 6.38 14.52
N7 ADP L . -21.87 6.32 15.68
C5 ADP L . -23.18 6.21 15.37
C6 ADP L . -24.45 6.10 16.14
N6 ADP L . -24.45 6.09 17.48
N1 ADP L . -25.58 6.02 15.43
C2 ADP L . -25.59 6.03 14.08
N3 ADP L . -24.48 6.12 13.32
C4 ADP L . -23.27 6.22 13.90
#